data_6J2G
#
_entry.id   6J2G
#
_cell.length_a   101.397
_cell.length_b   103.307
_cell.length_c   180.057
_cell.angle_alpha   90.00
_cell.angle_beta   90.00
_cell.angle_gamma   90.00
#
_symmetry.space_group_name_H-M   'C 2 2 21'
#
loop_
_entity.id
_entity.type
_entity.pdbx_description
1 polymer Ptal-N*01:01
2 polymer Beta-2-microglobulin
3 polymer EBOV-NP2
4 water water
#
loop_
_entity_poly.entity_id
_entity_poly.type
_entity_poly.pdbx_seq_one_letter_code
_entity_poly.pdbx_strand_id
1 'polypeptide(L)'
;GFHSLRYFYTAWSRPGSGEPRFVAVGYVDDTQFVRFDSDNASPRAEPRAPWMDLVEQQDPQYWDRNTRNARDAAQTYRVG
LDNVRGYYNQSEAGSHTIQRMYGCDVGPHGRLLRGYDQLAYDGADYIALNEDLRSWTAADLAAQNTRRKWEEAGYAERDR
AYLEGECVEWLLKHLENGRETLLRADPPKTHITHHPISDREVTLRCWALGFYPEEITLTWQHDGEDQTQEMELVETRPDG
NGAFQKWAALVVPSGEEQRYTCHVQHEGLPQPLTLRW
;
A,D
2 'polypeptide(L)'
;IQRTPKIQVYSRHPAENGKSNFLNCYVSGFHPSDIEVDLLKNGERIEKVEHSDLSFSKDWSFYLLYYTEFTPTEKDEYAC
RVNHVTLSQPKIVKWDRDM
;
B,E
3 'polypeptide(L)' DFQESADSFLL C,F
#
# COMPACT_ATOMS: atom_id res chain seq x y z
N GLY A 1 -13.86 -21.48 13.36
CA GLY A 1 -12.55 -21.74 12.78
C GLY A 1 -11.57 -22.26 13.82
N PHE A 2 -10.34 -21.75 13.75
CA PHE A 2 -9.29 -22.17 14.68
C PHE A 2 -8.20 -21.11 14.79
N HIS A 3 -7.85 -20.76 16.02
CA HIS A 3 -6.82 -19.75 16.27
C HIS A 3 -5.77 -20.29 17.23
N SER A 4 -4.59 -19.66 17.24
CA SER A 4 -3.47 -20.19 18.00
C SER A 4 -2.68 -19.09 18.68
N LEU A 5 -2.22 -19.38 19.90
CA LEU A 5 -1.25 -18.57 20.61
C LEU A 5 0.06 -19.35 20.66
N ARG A 6 1.16 -18.73 20.23
CA ARG A 6 2.43 -19.43 20.10
C ARG A 6 3.57 -18.55 20.60
N TYR A 7 4.47 -19.14 21.39
CA TYR A 7 5.63 -18.46 21.92
C TYR A 7 6.89 -19.17 21.43
N PHE A 8 7.89 -18.36 21.05
CA PHE A 8 9.14 -18.84 20.49
C PHE A 8 10.31 -18.26 21.30
N TYR A 9 11.17 -19.15 21.80
CA TYR A 9 12.37 -18.80 22.54
C TYR A 9 13.60 -19.25 21.78
N THR A 10 14.61 -18.40 21.77
CA THR A 10 15.92 -18.72 21.20
C THR A 10 16.98 -18.26 22.17
N ALA A 11 17.81 -19.17 22.65
CA ALA A 11 18.90 -18.86 23.56
C ALA A 11 20.17 -19.44 22.98
N TRP A 12 21.22 -18.62 22.88
CA TRP A 12 22.46 -19.14 22.31
C TRP A 12 23.65 -18.52 23.02
N SER A 13 24.73 -19.30 23.08
CA SER A 13 25.98 -18.88 23.67
C SER A 13 26.89 -18.27 22.62
N ARG A 14 27.77 -17.38 23.08
CA ARG A 14 28.70 -16.68 22.19
C ARG A 14 30.02 -16.54 22.95
N PRO A 15 30.83 -17.59 22.97
CA PRO A 15 32.06 -17.57 23.78
C PRO A 15 33.05 -16.54 23.26
N GLY A 16 33.79 -15.95 24.20
CA GLY A 16 34.65 -14.83 23.87
C GLY A 16 33.95 -13.66 23.24
N SER A 17 32.63 -13.57 23.40
CA SER A 17 31.84 -12.52 22.78
C SER A 17 30.73 -12.03 23.71
N GLY A 18 30.97 -12.10 25.02
CA GLY A 18 29.95 -11.77 26.00
C GLY A 18 29.26 -12.99 26.57
N GLU A 19 28.16 -12.72 27.28
CA GLU A 19 27.36 -13.77 27.90
C GLU A 19 26.22 -14.20 26.98
N PRO A 20 25.57 -15.34 27.26
CA PRO A 20 24.55 -15.85 26.33
C PRO A 20 23.41 -14.87 26.12
N ARG A 21 22.76 -14.99 24.97
CA ARG A 21 21.63 -14.15 24.62
C ARG A 21 20.36 -14.98 24.58
N PHE A 22 19.24 -14.33 24.94
CA PHE A 22 17.93 -14.97 24.95
C PHE A 22 16.92 -13.99 24.36
N VAL A 23 16.25 -14.41 23.28
CA VAL A 23 15.22 -13.63 22.63
C VAL A 23 13.95 -14.46 22.58
N ALA A 24 12.81 -13.81 22.79
CA ALA A 24 11.52 -14.49 22.77
C ALA A 24 10.43 -13.60 22.18
N VAL A 25 9.57 -14.19 21.35
CA VAL A 25 8.48 -13.46 20.72
C VAL A 25 7.17 -14.25 20.80
N GLY A 26 6.05 -13.53 20.79
CA GLY A 26 4.75 -14.15 20.87
C GLY A 26 3.88 -13.85 19.66
N TYR A 27 3.14 -14.85 19.21
CA TYR A 27 2.28 -14.69 18.06
C TYR A 27 0.84 -15.19 18.23
N VAL A 28 -0.06 -14.43 17.69
CA VAL A 28 -1.40 -14.84 17.57
C VAL A 28 -1.46 -15.03 16.08
N ASP A 29 -1.71 -16.26 15.70
CA ASP A 29 -1.72 -16.74 14.35
C ASP A 29 -0.49 -16.29 13.62
N ASP A 30 -0.66 -15.45 12.60
CA ASP A 30 0.46 -14.95 11.82
C ASP A 30 0.66 -13.45 12.03
N THR A 31 0.70 -13.04 13.30
CA THR A 31 0.89 -11.63 13.63
C THR A 31 1.50 -11.50 15.02
N GLN A 32 2.78 -11.13 15.07
CA GLN A 32 3.47 -10.97 16.34
C GLN A 32 2.84 -9.87 17.18
N PHE A 33 3.01 -9.97 18.49
CA PHE A 33 2.46 -8.98 19.42
C PHE A 33 3.33 -8.66 20.62
N VAL A 34 4.42 -9.40 20.85
CA VAL A 34 5.25 -9.18 22.04
C VAL A 34 6.66 -9.67 21.73
N ARG A 35 7.64 -9.13 22.47
CA ARG A 35 9.04 -9.51 22.30
C ARG A 35 9.79 -9.27 23.59
N PHE A 36 10.94 -9.93 23.71
CA PHE A 36 11.82 -9.77 24.85
C PHE A 36 13.25 -10.09 24.43
N ASP A 37 14.18 -9.22 24.78
CA ASP A 37 15.58 -9.34 24.38
C ASP A 37 16.45 -9.13 25.61
N SER A 38 17.15 -10.18 26.03
CA SER A 38 17.99 -10.13 27.22
C SER A 38 19.18 -9.19 27.08
N ASP A 39 19.53 -8.78 25.85
CA ASP A 39 20.67 -7.88 25.67
C ASP A 39 20.34 -6.45 26.06
N ASN A 40 19.05 -6.07 26.04
CA ASN A 40 18.65 -4.74 26.48
C ASN A 40 19.16 -4.47 27.89
N ALA A 41 19.38 -3.18 28.20
CA ALA A 41 19.97 -2.79 29.47
C ALA A 41 19.16 -3.32 30.64
N SER A 42 17.92 -2.85 30.79
CA SER A 42 16.96 -3.40 31.74
C SER A 42 15.87 -4.08 30.93
N PRO A 43 16.01 -5.37 30.63
CA PRO A 43 15.15 -6.00 29.60
C PRO A 43 13.70 -6.10 30.06
N ARG A 44 12.82 -5.45 29.31
CA ARG A 44 11.39 -5.47 29.56
C ARG A 44 10.67 -6.22 28.44
N ALA A 45 9.55 -6.85 28.78
CA ALA A 45 8.66 -7.37 27.75
C ALA A 45 7.97 -6.20 27.05
N GLU A 46 8.09 -6.16 25.72
CA GLU A 46 7.62 -5.02 24.95
C GLU A 46 6.52 -5.43 23.98
N PRO A 47 5.52 -4.58 23.78
CA PRO A 47 4.48 -4.88 22.78
C PRO A 47 4.99 -4.65 21.37
N ARG A 48 4.42 -5.41 20.43
CA ARG A 48 4.83 -5.34 19.03
C ARG A 48 3.63 -5.29 18.08
N ALA A 49 2.45 -5.00 18.59
CA ALA A 49 1.25 -4.93 17.77
C ALA A 49 0.36 -3.78 18.25
N PRO A 50 -0.38 -3.15 17.36
CA PRO A 50 -1.16 -1.95 17.76
C PRO A 50 -2.16 -2.21 18.87
N TRP A 51 -2.86 -3.34 18.86
CA TRP A 51 -3.82 -3.60 19.94
C TRP A 51 -3.13 -3.89 21.27
N MET A 52 -1.82 -4.08 21.30
CA MET A 52 -1.13 -4.25 22.57
C MET A 52 -0.65 -2.93 23.16
N ASP A 53 -0.61 -1.88 22.34
CA ASP A 53 -0.05 -0.59 22.73
C ASP A 53 -1.11 0.38 23.25
N LEU A 54 -2.40 0.03 23.16
CA LEU A 54 -3.44 0.96 23.57
C LEU A 54 -4.53 0.35 24.46
N VAL A 55 -4.83 -0.95 24.34
CA VAL A 55 -5.92 -1.54 25.11
C VAL A 55 -5.36 -2.62 26.03
N GLU A 56 -4.20 -2.32 26.62
CA GLU A 56 -3.55 -3.27 27.52
C GLU A 56 -3.63 -2.79 28.98
N GLN A 57 -4.69 -2.03 29.28
CA GLN A 57 -4.88 -1.51 30.63
C GLN A 57 -5.75 -2.44 31.46
N GLN A 58 -6.56 -3.25 30.79
CA GLN A 58 -7.44 -4.19 31.49
C GLN A 58 -6.70 -4.81 32.67
N ASP A 59 -5.41 -5.06 32.48
CA ASP A 59 -4.56 -5.63 33.51
C ASP A 59 -3.31 -4.77 33.68
N PRO A 60 -3.30 -3.94 34.72
CA PRO A 60 -2.17 -3.04 34.99
C PRO A 60 -0.88 -3.77 35.35
N GLN A 61 -0.96 -5.06 35.60
CA GLN A 61 0.23 -5.85 35.96
C GLN A 61 0.72 -6.75 34.84
N TYR A 62 0.17 -6.61 33.64
CA TYR A 62 0.55 -7.50 32.53
C TYR A 62 2.03 -7.37 32.22
N TRP A 63 2.52 -6.14 32.06
CA TRP A 63 3.88 -5.95 31.58
C TRP A 63 4.92 -6.31 32.64
N ASP A 64 4.62 -6.06 33.92
CA ASP A 64 5.57 -6.47 34.96
C ASP A 64 5.61 -7.99 35.09
N ARG A 65 4.43 -8.61 35.09
CA ARG A 65 4.32 -10.05 35.20
C ARG A 65 5.07 -10.74 34.06
N ASN A 66 4.84 -10.28 32.83
CA ASN A 66 5.50 -10.87 31.67
C ASN A 66 6.99 -10.54 31.65
N THR A 67 7.38 -9.36 32.15
CA THR A 67 8.79 -9.04 32.25
C THR A 67 9.50 -10.02 33.17
N ARG A 68 8.95 -10.29 34.35
CA ARG A 68 9.61 -11.22 35.26
C ARG A 68 9.57 -12.65 34.71
N ASN A 69 8.44 -13.07 34.15
CA ASN A 69 8.39 -14.41 33.55
C ASN A 69 9.47 -14.57 32.48
N ALA A 70 9.64 -13.55 31.64
CA ALA A 70 10.61 -13.63 30.55
C ALA A 70 12.04 -13.58 31.07
N ARG A 71 12.29 -12.80 32.13
CA ARG A 71 13.63 -12.78 32.72
C ARG A 71 13.98 -14.12 33.33
N ASP A 72 13.01 -14.76 34.01
CA ASP A 72 13.22 -16.09 34.57
C ASP A 72 13.50 -17.10 33.46
N ALA A 73 12.73 -17.06 32.38
CA ALA A 73 13.02 -17.92 31.24
C ALA A 73 14.44 -17.67 30.71
N ALA A 74 14.84 -16.40 30.65
CA ALA A 74 16.18 -16.06 30.17
C ALA A 74 17.26 -16.73 31.02
N GLN A 75 17.13 -16.66 32.34
N GLN A 75 17.14 -16.65 32.34
CA GLN A 75 18.13 -17.30 33.19
CA GLN A 75 18.10 -17.30 33.22
C GLN A 75 18.06 -18.82 33.07
C GLN A 75 18.06 -18.82 33.05
N THR A 76 16.84 -19.37 33.00
CA THR A 76 16.67 -20.82 32.88
C THR A 76 17.41 -21.37 31.65
N TYR A 77 17.24 -20.72 30.50
CA TYR A 77 17.87 -21.24 29.29
C TYR A 77 19.34 -20.86 29.21
N ARG A 78 19.71 -19.72 29.80
CA ARG A 78 21.13 -19.37 29.91
C ARG A 78 21.90 -20.45 30.65
N VAL A 79 21.36 -20.93 31.77
CA VAL A 79 22.03 -22.03 32.49
C VAL A 79 21.84 -23.35 31.74
N GLY A 80 20.69 -23.53 31.09
CA GLY A 80 20.43 -24.76 30.37
C GLY A 80 21.46 -25.04 29.29
N LEU A 81 21.95 -23.99 28.62
CA LEU A 81 23.03 -24.17 27.65
C LEU A 81 24.20 -24.91 28.28
N ASP A 82 24.56 -24.52 29.50
CA ASP A 82 25.66 -25.15 30.21
C ASP A 82 25.31 -26.60 30.52
N ASN A 83 24.02 -26.87 30.71
CA ASN A 83 23.55 -28.22 31.00
C ASN A 83 23.66 -29.11 29.77
N VAL A 84 23.02 -28.71 28.67
CA VAL A 84 23.06 -29.48 27.44
C VAL A 84 24.51 -29.69 27.03
N ARG A 85 25.35 -28.68 27.27
CA ARG A 85 26.77 -28.75 26.93
C ARG A 85 27.47 -29.82 27.75
N GLY A 86 27.20 -29.85 29.06
CA GLY A 86 27.77 -30.88 29.90
C GLY A 86 27.32 -32.28 29.50
N TYR A 87 26.02 -32.43 29.19
CA TYR A 87 25.52 -33.76 28.81
C TYR A 87 26.25 -34.30 27.59
N TYR A 88 26.43 -33.47 26.56
CA TYR A 88 27.11 -33.93 25.37
C TYR A 88 28.63 -33.91 25.50
N ASN A 89 29.12 -33.29 26.58
CA ASN A 89 30.56 -33.11 26.83
C ASN A 89 31.19 -32.29 25.71
N GLN A 90 30.52 -31.19 25.35
CA GLN A 90 30.97 -30.32 24.28
C GLN A 90 31.93 -29.27 24.82
N SER A 91 32.82 -28.78 23.96
CA SER A 91 33.76 -27.75 24.36
C SER A 91 33.06 -26.40 24.49
N GLU A 92 33.44 -25.63 25.50
CA GLU A 92 32.86 -24.31 25.67
C GLU A 92 33.30 -23.32 24.58
N ALA A 93 34.30 -23.67 23.78
CA ALA A 93 34.71 -22.76 22.71
C ALA A 93 33.65 -22.60 21.63
N GLY A 94 32.69 -23.53 21.57
CA GLY A 94 31.69 -23.50 20.52
C GLY A 94 30.41 -22.79 20.93
N SER A 95 29.71 -22.27 19.92
CA SER A 95 28.40 -21.67 20.12
C SER A 95 27.31 -22.72 19.91
N HIS A 96 26.28 -22.66 20.74
CA HIS A 96 25.20 -23.63 20.70
C HIS A 96 23.88 -22.93 20.97
N THR A 97 22.78 -23.56 20.54
CA THR A 97 21.46 -22.95 20.58
C THR A 97 20.44 -23.89 21.21
N ILE A 98 19.57 -23.34 22.04
CA ILE A 98 18.37 -24.00 22.51
C ILE A 98 17.18 -23.20 22.00
N GLN A 99 16.22 -23.89 21.37
CA GLN A 99 15.01 -23.25 20.90
C GLN A 99 13.80 -23.91 21.54
N ARG A 100 12.77 -23.12 21.79
CA ARG A 100 11.54 -23.64 22.35
C ARG A 100 10.36 -23.02 21.64
N MET A 101 9.32 -23.83 21.42
CA MET A 101 8.06 -23.33 20.89
C MET A 101 6.94 -23.98 21.67
N TYR A 102 6.08 -23.17 22.26
CA TYR A 102 4.93 -23.74 22.98
C TYR A 102 3.72 -22.87 22.73
N GLY A 103 2.53 -23.47 22.90
CA GLY A 103 1.33 -22.68 22.78
C GLY A 103 0.10 -23.57 22.70
N CYS A 104 -1.00 -22.93 22.30
CA CYS A 104 -2.31 -23.57 22.33
C CYS A 104 -3.09 -23.25 21.05
N ASP A 105 -3.87 -24.24 20.64
CA ASP A 105 -4.76 -24.19 19.49
C ASP A 105 -6.19 -24.29 19.99
N VAL A 106 -6.99 -23.25 19.72
CA VAL A 106 -8.37 -23.13 20.17
C VAL A 106 -9.30 -23.23 18.96
N GLY A 107 -10.45 -23.87 19.17
CA GLY A 107 -11.40 -24.11 18.11
C GLY A 107 -12.48 -23.05 18.02
N PRO A 108 -13.48 -23.28 17.16
CA PRO A 108 -14.50 -22.24 16.93
C PRO A 108 -15.40 -21.98 18.13
N HIS A 109 -15.47 -22.92 19.08
CA HIS A 109 -16.27 -22.77 20.28
C HIS A 109 -15.51 -22.08 21.40
N GLY A 110 -14.24 -21.72 21.19
CA GLY A 110 -13.44 -21.09 22.23
C GLY A 110 -12.79 -22.04 23.20
N ARG A 111 -12.84 -23.35 22.95
CA ARG A 111 -12.23 -24.34 23.81
C ARG A 111 -10.97 -24.91 23.17
N LEU A 112 -10.08 -25.42 24.02
CA LEU A 112 -8.76 -25.84 23.56
C LEU A 112 -8.86 -27.03 22.62
N LEU A 113 -8.20 -26.91 21.46
CA LEU A 113 -8.03 -28.03 20.54
C LEU A 113 -6.78 -28.82 20.85
N ARG A 114 -5.62 -28.16 20.97
CA ARG A 114 -4.41 -28.91 21.30
C ARG A 114 -3.36 -27.99 21.90
N GLY A 115 -2.63 -28.49 22.89
CA GLY A 115 -1.50 -27.76 23.43
C GLY A 115 -0.19 -28.39 23.00
N TYR A 116 0.90 -27.63 23.01
CA TYR A 116 2.16 -28.20 22.56
C TYR A 116 3.33 -27.47 23.18
N ASP A 117 4.42 -28.21 23.38
CA ASP A 117 5.67 -27.67 23.90
C ASP A 117 6.81 -28.51 23.32
N GLN A 118 7.69 -27.87 22.56
CA GLN A 118 8.79 -28.56 21.89
C GLN A 118 10.08 -27.78 22.06
N LEU A 119 11.18 -28.52 22.15
CA LEU A 119 12.51 -27.97 22.36
C LEU A 119 13.50 -28.64 21.42
N ALA A 120 14.37 -27.80 20.84
CA ALA A 120 15.45 -28.24 19.97
C ALA A 120 16.78 -27.79 20.52
N TYR A 121 17.82 -28.53 20.19
CA TYR A 121 19.20 -28.17 20.51
C TYR A 121 20.00 -28.18 19.23
N ASP A 122 20.64 -27.04 18.93
CA ASP A 122 21.39 -26.87 17.68
C ASP A 122 20.54 -27.20 16.47
N GLY A 123 19.28 -26.77 16.49
CA GLY A 123 18.39 -26.92 15.36
C GLY A 123 17.85 -28.31 15.12
N ALA A 124 18.07 -29.25 16.04
CA ALA A 124 17.52 -30.60 15.93
C ALA A 124 16.65 -30.89 17.15
N ASP A 125 15.61 -31.70 16.93
CA ASP A 125 14.69 -32.04 18.01
C ASP A 125 15.45 -32.51 19.24
N TYR A 126 15.08 -31.95 20.39
CA TYR A 126 15.72 -32.31 21.66
C TYR A 126 14.75 -32.99 22.61
N ILE A 127 13.64 -32.35 22.96
CA ILE A 127 12.67 -32.97 23.87
C ILE A 127 11.32 -32.32 23.61
N ALA A 128 10.26 -33.11 23.74
CA ALA A 128 8.93 -32.61 23.46
C ALA A 128 7.92 -33.17 24.45
N LEU A 129 6.93 -32.34 24.78
CA LEU A 129 5.79 -32.81 25.56
C LEU A 129 4.87 -33.63 24.65
N ASN A 130 4.47 -34.81 25.12
CA ASN A 130 3.66 -35.69 24.30
C ASN A 130 2.25 -35.14 24.14
N GLU A 131 1.48 -35.79 23.28
CA GLU A 131 0.12 -35.33 23.01
C GLU A 131 -0.74 -35.35 24.28
N ASP A 132 -0.52 -36.34 25.15
CA ASP A 132 -1.32 -36.40 26.37
C ASP A 132 -0.97 -35.29 27.36
N LEU A 133 -0.01 -34.43 27.04
CA LEU A 133 0.46 -33.36 27.93
C LEU A 133 0.83 -33.89 29.30
N ARG A 134 1.33 -35.13 29.34
CA ARG A 134 1.67 -35.78 30.60
C ARG A 134 3.03 -36.46 30.61
N SER A 135 3.69 -36.62 29.47
CA SER A 135 4.97 -37.30 29.42
C SER A 135 5.83 -36.66 28.34
N TRP A 136 7.11 -37.03 28.32
CA TRP A 136 8.10 -36.39 27.47
C TRP A 136 8.75 -37.41 26.54
N THR A 137 9.12 -36.94 25.36
CA THR A 137 9.90 -37.71 24.41
C THR A 137 11.24 -37.02 24.21
N ALA A 138 12.32 -37.71 24.59
CA ALA A 138 13.66 -37.19 24.45
C ALA A 138 14.30 -37.81 23.21
N ALA A 139 14.93 -36.98 22.39
CA ALA A 139 15.38 -37.43 21.08
C ALA A 139 16.63 -38.31 21.15
N ASP A 140 17.45 -38.14 22.19
CA ASP A 140 18.68 -38.92 22.30
C ASP A 140 18.99 -39.14 23.79
N LEU A 141 20.15 -39.74 24.05
CA LEU A 141 20.48 -40.11 25.43
C LEU A 141 20.72 -38.88 26.29
N ALA A 142 21.37 -37.84 25.75
CA ALA A 142 21.63 -36.63 26.53
C ALA A 142 20.33 -35.99 27.02
N ALA A 143 19.30 -35.98 26.17
CA ALA A 143 18.02 -35.41 26.54
C ALA A 143 17.28 -36.24 27.59
N GLN A 144 17.76 -37.45 27.83
CA GLN A 144 17.18 -38.31 28.85
C GLN A 144 17.38 -37.63 30.20
N ASN A 145 18.52 -36.98 30.38
CA ASN A 145 18.80 -36.27 31.63
C ASN A 145 17.74 -35.21 31.89
N THR A 146 17.45 -34.39 30.87
CA THR A 146 16.39 -33.40 31.00
C THR A 146 15.05 -34.06 31.29
N ARG A 147 14.77 -35.19 30.63
CA ARG A 147 13.51 -35.90 30.88
C ARG A 147 13.41 -36.35 32.33
N ARG A 148 14.49 -36.94 32.86
CA ARG A 148 14.47 -37.41 34.25
C ARG A 148 14.29 -36.24 35.21
N LYS A 149 15.04 -35.16 35.01
CA LYS A 149 14.88 -33.98 35.86
C LYS A 149 13.46 -33.44 35.82
N TRP A 150 12.87 -33.34 34.62
CA TRP A 150 11.55 -32.75 34.50
C TRP A 150 10.45 -33.66 35.06
N GLU A 151 10.62 -34.98 34.92
CA GLU A 151 9.67 -35.91 35.51
C GLU A 151 9.71 -35.87 37.03
N GLU A 152 10.92 -35.95 37.60
CA GLU A 152 11.03 -35.93 39.06
C GLU A 152 10.58 -34.59 39.65
N ALA A 153 10.63 -33.52 38.87
CA ALA A 153 10.10 -32.23 39.31
C ALA A 153 8.62 -32.07 38.99
N GLY A 154 8.01 -33.04 38.32
CA GLY A 154 6.59 -32.93 37.97
C GLY A 154 6.29 -31.76 37.07
N TYR A 155 7.15 -31.50 36.08
CA TYR A 155 7.01 -30.31 35.24
C TYR A 155 5.82 -30.44 34.29
N ALA A 156 5.60 -31.63 33.75
CA ALA A 156 4.56 -31.83 32.74
C ALA A 156 3.20 -31.34 33.20
N GLU A 157 2.89 -31.46 34.50
CA GLU A 157 1.56 -31.08 34.98
C GLU A 157 1.40 -29.57 35.01
N ARG A 158 2.45 -28.84 35.41
CA ARG A 158 2.41 -27.38 35.33
C ARG A 158 2.39 -26.92 33.88
N ASP A 159 3.08 -27.63 33.00
CA ASP A 159 2.99 -27.34 31.57
C ASP A 159 1.55 -27.45 31.09
N ARG A 160 0.90 -28.59 31.38
CA ARG A 160 -0.48 -28.80 30.99
C ARG A 160 -1.40 -27.74 31.61
N ALA A 161 -1.11 -27.35 32.85
CA ALA A 161 -1.95 -26.37 33.53
C ALA A 161 -1.82 -24.99 32.89
N TYR A 162 -0.65 -24.67 32.35
CA TYR A 162 -0.51 -23.42 31.60
C TYR A 162 -1.21 -23.53 30.25
N LEU A 163 -0.96 -24.61 29.52
CA LEU A 163 -1.47 -24.72 28.15
C LEU A 163 -3.00 -24.75 28.13
N GLU A 164 -3.62 -25.50 29.03
CA GLU A 164 -5.07 -25.56 29.10
C GLU A 164 -5.68 -24.37 29.83
N GLY A 165 -4.87 -23.57 30.51
CA GLY A 165 -5.36 -22.49 31.34
C GLY A 165 -5.05 -21.11 30.81
N GLU A 166 -3.99 -20.49 31.34
CA GLU A 166 -3.63 -19.13 30.94
C GLU A 166 -3.47 -18.98 29.43
N CYS A 167 -2.99 -20.02 28.73
CA CYS A 167 -2.77 -19.92 27.30
C CYS A 167 -4.07 -19.70 26.54
N VAL A 168 -5.06 -20.59 26.76
CA VAL A 168 -6.35 -20.45 26.10
C VAL A 168 -6.96 -19.08 26.40
N GLU A 169 -7.00 -18.72 27.67
CA GLU A 169 -7.70 -17.50 28.06
C GLU A 169 -7.02 -16.27 27.47
N TRP A 170 -5.68 -16.25 27.47
CA TRP A 170 -5.01 -15.09 26.90
C TRP A 170 -5.12 -15.06 25.38
N LEU A 171 -5.22 -16.23 24.74
CA LEU A 171 -5.57 -16.25 23.33
C LEU A 171 -6.93 -15.59 23.10
N LEU A 172 -7.91 -15.89 23.95
CA LEU A 172 -9.22 -15.28 23.79
C LEU A 172 -9.18 -13.77 24.03
N LYS A 173 -8.45 -13.32 25.05
CA LYS A 173 -8.35 -11.89 25.32
C LYS A 173 -7.66 -11.16 24.17
N HIS A 174 -6.62 -11.76 23.61
CA HIS A 174 -5.95 -11.13 22.47
C HIS A 174 -6.84 -11.10 21.25
N LEU A 175 -7.57 -12.19 20.97
CA LEU A 175 -8.49 -12.21 19.84
C LEU A 175 -9.55 -11.12 20.00
N GLU A 176 -9.99 -10.86 21.23
CA GLU A 176 -10.98 -9.80 21.45
C GLU A 176 -10.36 -8.43 21.26
N ASN A 177 -9.21 -8.17 21.90
CA ASN A 177 -8.60 -6.84 21.86
C ASN A 177 -8.16 -6.47 20.45
N GLY A 178 -7.66 -7.45 19.68
CA GLY A 178 -7.10 -7.15 18.38
C GLY A 178 -7.86 -7.76 17.22
N ARG A 179 -9.19 -7.86 17.35
CA ARG A 179 -9.99 -8.49 16.31
C ARG A 179 -9.96 -7.71 15.01
N GLU A 180 -9.68 -6.40 15.06
CA GLU A 180 -9.54 -5.63 13.83
C GLU A 180 -8.37 -6.13 12.99
N THR A 181 -7.28 -6.52 13.65
CA THR A 181 -6.14 -7.09 12.95
C THR A 181 -6.25 -8.60 12.81
N LEU A 182 -6.59 -9.30 13.90
CA LEU A 182 -6.50 -10.75 13.91
C LEU A 182 -7.65 -11.41 13.16
N LEU A 183 -8.87 -10.91 13.34
CA LEU A 183 -10.05 -11.48 12.68
C LEU A 183 -10.32 -10.81 11.35
N ARG A 184 -9.30 -10.71 10.51
CA ARG A 184 -9.44 -10.17 9.18
C ARG A 184 -8.93 -11.20 8.18
N ALA A 185 -9.44 -11.10 6.95
CA ALA A 185 -8.99 -11.90 5.82
C ALA A 185 -8.83 -10.92 4.66
N ASP A 186 -7.63 -10.34 4.54
CA ASP A 186 -7.35 -9.43 3.46
C ASP A 186 -7.00 -10.21 2.20
N PRO A 187 -7.83 -10.13 1.16
CA PRO A 187 -7.52 -10.82 -0.08
C PRO A 187 -6.30 -10.22 -0.75
N PRO A 188 -5.64 -10.95 -1.63
CA PRO A 188 -4.45 -10.41 -2.29
C PRO A 188 -4.81 -9.46 -3.42
N LYS A 189 -3.97 -8.44 -3.59
CA LYS A 189 -4.00 -7.60 -4.78
C LYS A 189 -3.17 -8.32 -5.84
N THR A 190 -3.81 -8.76 -6.91
CA THR A 190 -3.23 -9.67 -7.88
C THR A 190 -3.08 -8.99 -9.23
N HIS A 191 -1.98 -9.28 -9.92
CA HIS A 191 -1.79 -8.78 -11.28
C HIS A 191 -0.68 -9.55 -11.95
N ILE A 192 -0.65 -9.49 -13.28
CA ILE A 192 0.36 -10.19 -14.09
C ILE A 192 1.26 -9.16 -14.73
N THR A 193 2.57 -9.37 -14.63
CA THR A 193 3.56 -8.55 -15.33
C THR A 193 4.26 -9.35 -16.42
N HIS A 194 4.82 -8.62 -17.37
CA HIS A 194 5.26 -9.13 -18.67
C HIS A 194 6.67 -8.64 -18.90
N HIS A 195 7.64 -9.56 -18.92
CA HIS A 195 9.06 -9.20 -19.02
C HIS A 195 9.71 -9.98 -20.15
N PRO A 196 9.94 -9.34 -21.30
CA PRO A 196 10.58 -10.05 -22.41
C PRO A 196 12.02 -10.44 -22.07
N ILE A 197 12.44 -11.58 -22.60
CA ILE A 197 13.81 -12.05 -22.49
C ILE A 197 14.51 -11.99 -23.84
N SER A 198 13.87 -12.52 -24.87
CA SER A 198 14.38 -12.49 -26.24
C SER A 198 13.32 -11.92 -27.16
N ASP A 199 13.53 -12.02 -28.46
CA ASP A 199 12.42 -11.95 -29.40
C ASP A 199 11.64 -13.26 -29.43
N ARG A 200 12.09 -14.25 -28.66
CA ARG A 200 11.56 -15.61 -28.72
C ARG A 200 10.91 -16.08 -27.43
N GLU A 201 11.11 -15.38 -26.31
CA GLU A 201 10.68 -15.88 -25.01
C GLU A 201 10.31 -14.73 -24.10
N VAL A 202 9.32 -14.96 -23.25
CA VAL A 202 8.84 -13.94 -22.33
C VAL A 202 8.64 -14.59 -20.96
N THR A 203 8.84 -13.79 -19.92
CA THR A 203 8.50 -14.19 -18.56
C THR A 203 7.17 -13.56 -18.20
N LEU A 204 6.25 -14.38 -17.69
CA LEU A 204 5.00 -13.90 -17.13
C LEU A 204 5.03 -14.13 -15.63
N ARG A 205 4.80 -13.08 -14.85
CA ARG A 205 4.86 -13.18 -13.40
C ARG A 205 3.51 -12.85 -12.79
N CYS A 206 2.99 -13.75 -11.98
CA CYS A 206 1.71 -13.58 -11.31
C CYS A 206 1.94 -13.15 -9.87
N TRP A 207 1.43 -11.97 -9.53
CA TRP A 207 1.65 -11.32 -8.23
C TRP A 207 0.40 -11.39 -7.38
N ALA A 208 0.59 -11.80 -6.12
CA ALA A 208 -0.38 -11.61 -5.04
C ALA A 208 0.30 -10.81 -3.94
N LEU A 209 -0.26 -9.63 -3.63
CA LEU A 209 0.37 -8.67 -2.73
C LEU A 209 -0.54 -8.32 -1.56
N GLY A 210 0.07 -8.08 -0.42
CA GLY A 210 -0.63 -7.50 0.72
C GLY A 210 -1.74 -8.32 1.32
N PHE A 211 -1.64 -9.65 1.29
CA PHE A 211 -2.70 -10.51 1.80
C PHE A 211 -2.36 -11.02 3.20
N TYR A 212 -3.41 -11.43 3.92
CA TYR A 212 -3.33 -11.98 5.26
C TYR A 212 -4.58 -12.84 5.41
N PRO A 213 -4.46 -14.05 5.99
CA PRO A 213 -3.28 -14.71 6.55
C PRO A 213 -2.27 -15.18 5.51
N GLU A 214 -1.21 -15.85 5.97
CA GLU A 214 -0.10 -16.19 5.09
C GLU A 214 -0.45 -17.26 4.07
N GLU A 215 -1.45 -18.09 4.34
CA GLU A 215 -1.76 -19.21 3.46
C GLU A 215 -2.41 -18.72 2.18
N ILE A 216 -1.91 -19.21 1.04
CA ILE A 216 -2.39 -18.82 -0.28
C ILE A 216 -1.97 -19.88 -1.28
N THR A 217 -2.68 -19.96 -2.40
CA THR A 217 -2.31 -20.87 -3.48
C THR A 217 -2.21 -20.11 -4.80
N LEU A 218 -1.09 -20.31 -5.50
CA LEU A 218 -0.77 -19.63 -6.75
C LEU A 218 -0.34 -20.67 -7.76
N THR A 219 -1.07 -20.78 -8.87
CA THR A 219 -0.71 -21.74 -9.90
C THR A 219 -0.88 -21.14 -11.28
N TRP A 220 -0.05 -21.59 -12.21
CA TRP A 220 -0.22 -21.33 -13.63
C TRP A 220 -0.78 -22.57 -14.29
N GLN A 221 -1.36 -22.35 -15.43
CA GLN A 221 -1.79 -23.39 -16.27
C GLN A 221 -1.76 -22.99 -17.71
N HIS A 222 -1.60 -23.98 -18.55
CA HIS A 222 -1.52 -23.77 -19.96
C HIS A 222 -2.74 -24.39 -20.53
N ASP A 223 -3.60 -23.55 -21.02
CA ASP A 223 -4.84 -24.03 -21.62
C ASP A 223 -5.66 -24.92 -20.68
N GLY A 224 -5.24 -25.07 -19.43
CA GLY A 224 -6.03 -25.79 -18.46
C GLY A 224 -5.25 -26.88 -17.77
N GLU A 225 -3.96 -26.98 -18.07
CA GLU A 225 -3.08 -28.01 -17.53
C GLU A 225 -2.05 -27.36 -16.62
N ASP A 226 -1.93 -27.89 -15.40
CA ASP A 226 -1.06 -27.27 -14.41
C ASP A 226 0.40 -27.27 -14.90
N GLN A 227 1.16 -26.31 -14.38
CA GLN A 227 2.55 -26.10 -14.77
C GLN A 227 3.41 -25.85 -13.54
N THR A 228 3.17 -26.62 -12.48
CA THR A 228 3.97 -26.47 -11.25
C THR A 228 5.45 -26.74 -11.52
N GLN A 229 5.75 -27.72 -12.38
CA GLN A 229 7.15 -28.07 -12.63
C GLN A 229 7.86 -27.00 -13.45
N GLU A 230 7.17 -26.41 -14.42
CA GLU A 230 7.80 -25.40 -15.27
C GLU A 230 7.94 -24.05 -14.58
N MET A 231 7.06 -23.74 -13.64
CA MET A 231 7.00 -22.41 -13.06
C MET A 231 7.93 -22.28 -11.85
N GLU A 232 8.31 -21.03 -11.57
CA GLU A 232 9.12 -20.67 -10.43
C GLU A 232 8.22 -20.05 -9.38
N LEU A 233 8.25 -20.61 -8.16
CA LEU A 233 7.33 -20.19 -7.09
C LEU A 233 8.16 -19.81 -5.87
N VAL A 234 8.24 -18.51 -5.58
CA VAL A 234 9.03 -18.04 -4.45
C VAL A 234 8.28 -18.28 -3.15
N GLU A 235 9.01 -18.43 -2.06
CA GLU A 235 8.40 -18.64 -0.75
C GLU A 235 7.70 -17.38 -0.29
N THR A 236 6.54 -17.53 0.34
CA THR A 236 5.76 -16.40 0.82
C THR A 236 6.61 -15.55 1.76
N ARG A 237 6.61 -14.25 1.51
CA ARG A 237 7.46 -13.31 2.24
C ARG A 237 6.61 -12.22 2.87
N PRO A 238 7.02 -11.68 4.00
CA PRO A 238 6.26 -10.59 4.63
C PRO A 238 6.62 -9.25 3.99
N ASP A 239 5.63 -8.37 3.97
CA ASP A 239 5.84 -7.06 3.34
C ASP A 239 6.27 -5.98 4.33
N GLY A 240 6.47 -6.33 5.60
CA GLY A 240 6.87 -5.36 6.60
C GLY A 240 5.73 -4.58 7.22
N ASN A 241 4.54 -4.62 6.63
CA ASN A 241 3.37 -3.93 7.15
C ASN A 241 2.37 -4.87 7.81
N GLY A 242 2.79 -6.10 8.12
CA GLY A 242 1.90 -7.07 8.72
C GLY A 242 1.13 -7.93 7.74
N ALA A 243 1.49 -7.89 6.45
CA ALA A 243 0.84 -8.72 5.45
C ALA A 243 1.89 -9.53 4.71
N PHE A 244 1.51 -10.19 3.62
CA PHE A 244 2.42 -11.11 2.96
C PHE A 244 2.35 -10.91 1.45
N GLN A 245 3.36 -11.46 0.76
CA GLN A 245 3.48 -11.37 -0.68
C GLN A 245 3.86 -12.73 -1.24
N LYS A 246 3.57 -12.93 -2.53
CA LYS A 246 3.98 -14.13 -3.24
C LYS A 246 3.83 -13.86 -4.73
N TRP A 247 4.69 -14.49 -5.52
CA TRP A 247 4.50 -14.48 -6.96
C TRP A 247 4.96 -15.80 -7.56
N ALA A 248 4.50 -16.06 -8.79
CA ALA A 248 4.85 -17.27 -9.52
C ALA A 248 5.06 -16.90 -10.98
N ALA A 249 6.25 -17.17 -11.49
CA ALA A 249 6.61 -16.81 -12.86
C ALA A 249 6.73 -18.05 -13.73
N LEU A 250 6.63 -17.83 -15.04
CA LEU A 250 6.80 -18.90 -16.01
C LEU A 250 7.36 -18.31 -17.30
N VAL A 251 8.26 -19.07 -17.93
CA VAL A 251 8.82 -18.70 -19.23
C VAL A 251 7.97 -19.33 -20.32
N VAL A 252 7.39 -18.50 -21.17
CA VAL A 252 6.52 -18.99 -22.25
C VAL A 252 7.02 -18.41 -23.56
N PRO A 253 6.65 -19.02 -24.69
CA PRO A 253 7.11 -18.50 -25.99
C PRO A 253 6.48 -17.15 -26.30
N SER A 254 7.20 -16.37 -27.10
CA SER A 254 6.68 -15.09 -27.55
C SER A 254 5.50 -15.31 -28.50
N GLY A 255 4.42 -14.57 -28.28
CA GLY A 255 3.20 -14.79 -29.01
C GLY A 255 2.30 -15.87 -28.44
N GLU A 256 2.84 -16.75 -27.60
CA GLU A 256 2.06 -17.83 -26.99
C GLU A 256 1.43 -17.43 -25.66
N GLU A 257 1.29 -16.13 -25.40
CA GLU A 257 0.48 -15.68 -24.28
C GLU A 257 -0.99 -15.90 -24.67
N GLN A 258 -1.90 -15.40 -23.83
CA GLN A 258 -3.35 -15.48 -23.99
C GLN A 258 -3.86 -16.90 -23.75
N ARG A 259 -2.93 -17.85 -23.73
CA ARG A 259 -3.06 -19.08 -22.97
C ARG A 259 -2.48 -18.79 -21.59
N TYR A 260 -2.17 -19.81 -20.80
CA TYR A 260 -1.43 -19.59 -19.55
C TYR A 260 -2.23 -18.70 -18.59
N THR A 261 -3.31 -19.25 -18.06
CA THR A 261 -4.02 -18.55 -17.00
C THR A 261 -3.29 -18.69 -15.68
N CYS A 262 -3.36 -17.62 -14.88
CA CYS A 262 -2.95 -17.63 -13.49
C CYS A 262 -4.17 -17.82 -12.60
N HIS A 263 -3.97 -18.53 -11.49
CA HIS A 263 -5.05 -18.94 -10.60
C HIS A 263 -4.62 -18.66 -9.18
N VAL A 264 -5.45 -17.88 -8.46
CA VAL A 264 -5.15 -17.46 -7.10
C VAL A 264 -6.29 -17.91 -6.20
N GLN A 265 -5.96 -18.58 -5.09
CA GLN A 265 -6.97 -18.87 -4.09
C GLN A 265 -6.49 -18.44 -2.71
N HIS A 266 -7.39 -17.80 -1.97
CA HIS A 266 -7.11 -17.21 -0.68
C HIS A 266 -8.43 -17.03 0.05
N GLU A 267 -8.40 -17.22 1.37
CA GLU A 267 -9.66 -17.22 2.13
C GLU A 267 -10.32 -15.85 2.19
N GLY A 268 -9.63 -14.78 1.80
CA GLY A 268 -10.25 -13.48 1.70
C GLY A 268 -10.97 -13.23 0.40
N LEU A 269 -10.77 -14.09 -0.59
CA LEU A 269 -11.41 -13.93 -1.90
C LEU A 269 -12.83 -14.48 -1.86
N PRO A 270 -13.82 -13.75 -2.36
CA PRO A 270 -15.16 -14.34 -2.51
C PRO A 270 -15.13 -15.62 -3.34
N GLN A 271 -14.45 -15.59 -4.48
CA GLN A 271 -14.26 -16.73 -5.36
C GLN A 271 -12.79 -16.75 -5.77
N PRO A 272 -12.28 -17.92 -6.15
CA PRO A 272 -10.91 -17.97 -6.71
C PRO A 272 -10.79 -17.07 -7.94
N LEU A 273 -9.58 -16.56 -8.15
CA LEU A 273 -9.32 -15.59 -9.21
C LEU A 273 -8.59 -16.25 -10.37
N THR A 274 -8.93 -15.81 -11.57
CA THR A 274 -8.28 -16.23 -12.81
C THR A 274 -7.83 -14.98 -13.56
N LEU A 275 -6.53 -14.86 -13.78
CA LEU A 275 -5.96 -13.73 -14.52
C LEU A 275 -5.33 -14.24 -15.82
N ARG A 276 -5.35 -13.39 -16.84
CA ARG A 276 -4.69 -13.74 -18.09
C ARG A 276 -4.20 -12.46 -18.76
N TRP A 277 -2.98 -12.53 -19.29
CA TRP A 277 -2.38 -11.40 -19.99
C TRP A 277 -3.15 -11.06 -21.27
N ILE B 1 24.83 -29.53 11.97
CA ILE B 1 23.42 -29.18 11.78
C ILE B 1 23.30 -27.71 11.39
N GLN B 2 23.98 -27.30 10.32
CA GLN B 2 23.97 -25.91 9.87
C GLN B 2 23.19 -25.78 8.56
N ARG B 3 22.61 -24.60 8.36
CA ARG B 3 21.76 -24.34 7.21
C ARG B 3 22.04 -22.96 6.65
N THR B 4 22.21 -22.87 5.33
CA THR B 4 22.55 -21.62 4.68
C THR B 4 21.29 -20.81 4.38
N PRO B 5 21.36 -19.48 4.50
CA PRO B 5 20.15 -18.67 4.33
C PRO B 5 19.71 -18.56 2.88
N LYS B 6 18.40 -18.41 2.71
CA LYS B 6 17.81 -17.96 1.46
C LYS B 6 17.50 -16.46 1.58
N ILE B 7 17.65 -15.75 0.47
CA ILE B 7 17.55 -14.30 0.43
C ILE B 7 16.49 -13.90 -0.59
N GLN B 8 15.69 -12.89 -0.25
CA GLN B 8 14.80 -12.23 -1.19
C GLN B 8 14.87 -10.73 -0.97
N VAL B 9 14.97 -9.96 -2.04
CA VAL B 9 15.01 -8.51 -1.98
C VAL B 9 13.81 -7.97 -2.75
N TYR B 10 13.04 -7.09 -2.10
CA TYR B 10 11.78 -6.65 -2.70
C TYR B 10 11.27 -5.43 -1.94
N SER B 11 10.35 -4.71 -2.57
CA SER B 11 9.76 -3.52 -1.99
C SER B 11 8.37 -3.82 -1.44
N ARG B 12 7.99 -3.09 -0.39
CA ARG B 12 6.69 -3.32 0.25
C ARG B 12 5.54 -3.04 -0.70
N HIS B 13 5.66 -1.99 -1.50
CA HIS B 13 4.67 -1.62 -2.51
C HIS B 13 5.32 -1.67 -3.89
N PRO B 14 4.52 -1.75 -4.96
CA PRO B 14 5.10 -1.76 -6.31
C PRO B 14 5.96 -0.53 -6.54
N ALA B 15 7.07 -0.73 -7.25
CA ALA B 15 8.05 0.32 -7.44
C ALA B 15 7.46 1.47 -8.25
N GLU B 16 7.51 2.67 -7.67
CA GLU B 16 7.06 3.89 -8.33
C GLU B 16 8.13 4.95 -8.09
N ASN B 17 8.92 5.24 -9.12
CA ASN B 17 10.03 6.18 -9.00
C ASN B 17 9.56 7.51 -8.41
N GLY B 18 10.34 8.03 -7.48
CA GLY B 18 10.01 9.29 -6.85
C GLY B 18 8.94 9.24 -5.79
N LYS B 19 8.50 8.06 -5.38
CA LYS B 19 7.53 7.94 -4.30
C LYS B 19 8.08 7.06 -3.18
N SER B 20 7.71 7.42 -1.96
CA SER B 20 8.29 6.79 -0.78
C SER B 20 7.82 5.35 -0.63
N ASN B 21 8.76 4.49 -0.24
CA ASN B 21 8.54 3.05 -0.17
C ASN B 21 9.48 2.46 0.87
N PHE B 22 9.36 1.16 1.09
CA PHE B 22 10.22 0.43 2.03
C PHE B 22 10.96 -0.66 1.27
N LEU B 23 12.28 -0.68 1.40
CA LEU B 23 13.11 -1.73 0.83
C LEU B 23 13.29 -2.83 1.86
N ASN B 24 13.08 -4.07 1.41
CA ASN B 24 13.03 -5.26 2.25
C ASN B 24 14.06 -6.29 1.79
N CYS B 25 14.75 -6.88 2.75
CA CYS B 25 15.58 -8.05 2.54
C CYS B 25 15.16 -9.12 3.54
N TYR B 26 14.67 -10.25 3.03
CA TYR B 26 14.11 -11.33 3.82
C TYR B 26 15.07 -12.51 3.76
N VAL B 27 15.60 -12.90 4.91
CA VAL B 27 16.52 -14.03 5.01
C VAL B 27 15.83 -15.12 5.82
N SER B 28 15.84 -16.35 5.31
CA SER B 28 15.12 -17.41 6.01
C SER B 28 15.84 -18.74 5.83
N GLY B 29 15.42 -19.73 6.60
CA GLY B 29 15.95 -21.07 6.47
C GLY B 29 17.38 -21.27 6.91
N PHE B 30 17.91 -20.39 7.76
CA PHE B 30 19.30 -20.48 8.18
C PHE B 30 19.41 -20.91 9.64
N HIS B 31 20.60 -21.40 9.99
CA HIS B 31 20.94 -21.88 11.32
C HIS B 31 22.45 -22.03 11.43
N PRO B 32 23.09 -21.52 12.51
CA PRO B 32 22.55 -20.82 13.68
C PRO B 32 22.06 -19.40 13.39
N SER B 33 21.70 -18.67 14.45
CA SER B 33 20.90 -17.44 14.30
C SER B 33 21.74 -16.22 13.95
N ASP B 34 23.00 -16.18 14.35
CA ASP B 34 23.84 -15.02 14.03
C ASP B 34 23.98 -14.87 12.52
N ILE B 35 23.72 -13.65 12.03
CA ILE B 35 23.73 -13.37 10.60
C ILE B 35 24.01 -11.89 10.42
N GLU B 36 24.69 -11.56 9.32
CA GLU B 36 25.03 -10.17 9.01
C GLU B 36 24.30 -9.76 7.72
N VAL B 37 23.44 -8.76 7.83
CA VAL B 37 22.62 -8.31 6.71
C VAL B 37 22.78 -6.80 6.58
N ASP B 38 23.29 -6.36 5.43
CA ASP B 38 23.45 -4.94 5.13
C ASP B 38 22.67 -4.59 3.89
N LEU B 39 22.08 -3.40 3.87
CA LEU B 39 21.37 -2.89 2.71
C LEU B 39 22.24 -1.86 2.00
N LEU B 40 22.39 -2.01 0.69
CA LEU B 40 23.33 -1.22 -0.08
C LEU B 40 22.60 -0.32 -1.08
N LYS B 41 23.06 0.93 -1.15
CA LYS B 41 22.60 1.90 -2.15
C LYS B 41 23.80 2.28 -3.00
N ASN B 42 23.81 1.81 -4.24
CA ASN B 42 24.93 1.98 -5.16
C ASN B 42 26.22 1.49 -4.52
N GLY B 43 26.15 0.30 -3.93
CA GLY B 43 27.30 -0.38 -3.40
C GLY B 43 27.71 0.03 -2.00
N GLU B 44 27.03 0.99 -1.38
CA GLU B 44 27.42 1.49 -0.08
C GLU B 44 26.32 1.24 0.95
N ARG B 45 26.77 0.99 2.18
CA ARG B 45 25.88 0.58 3.26
C ARG B 45 24.92 1.71 3.63
N ILE B 46 23.67 1.34 3.90
CA ILE B 46 22.65 2.29 4.38
C ILE B 46 22.69 2.30 5.90
N GLU B 47 22.68 3.50 6.49
CA GLU B 47 22.82 3.63 7.94
C GLU B 47 21.55 3.21 8.66
N LYS B 48 20.45 3.88 8.35
CA LYS B 48 19.18 3.69 9.06
C LYS B 48 18.54 2.40 8.58
N VAL B 49 18.92 1.28 9.20
CA VAL B 49 18.39 -0.03 8.84
C VAL B 49 17.94 -0.74 10.10
N GLU B 50 16.70 -1.24 10.09
CA GLU B 50 16.13 -1.97 11.21
C GLU B 50 15.75 -3.39 10.76
N HIS B 51 15.40 -4.23 11.74
CA HIS B 51 15.07 -5.62 11.43
C HIS B 51 14.03 -6.11 12.42
N SER B 52 13.26 -7.12 11.98
CA SER B 52 12.25 -7.73 12.82
C SER B 52 12.88 -8.57 13.91
N ASP B 53 12.07 -8.96 14.89
CA ASP B 53 12.57 -9.79 15.97
C ASP B 53 12.80 -11.22 15.50
N LEU B 54 13.82 -11.86 16.07
CA LEU B 54 14.20 -13.20 15.65
C LEU B 54 13.12 -14.21 15.95
N SER B 55 12.77 -15.02 14.95
CA SER B 55 11.78 -16.08 15.08
C SER B 55 12.26 -17.29 14.27
N PHE B 56 11.47 -18.36 14.27
CA PHE B 56 11.86 -19.53 13.51
C PHE B 56 10.64 -20.31 13.04
N SER B 57 10.86 -21.17 12.04
CA SER B 57 9.83 -21.97 11.42
C SER B 57 9.71 -23.33 12.10
N LYS B 58 8.80 -24.17 11.59
CA LYS B 58 8.57 -25.48 12.19
C LYS B 58 9.82 -26.36 12.15
N ASP B 59 10.68 -26.20 11.13
CA ASP B 59 11.90 -26.98 11.05
C ASP B 59 13.04 -26.40 11.89
N TRP B 60 12.74 -25.41 12.73
CA TRP B 60 13.62 -24.72 13.68
C TRP B 60 14.55 -23.70 13.00
N SER B 61 14.51 -23.55 11.69
CA SER B 61 15.37 -22.57 11.02
C SER B 61 14.83 -21.16 11.22
N PHE B 62 15.74 -20.19 11.26
CA PHE B 62 15.40 -18.81 11.59
C PHE B 62 15.05 -18.01 10.34
N TYR B 63 14.27 -16.95 10.55
CA TYR B 63 13.99 -15.98 9.50
C TYR B 63 13.96 -14.58 10.09
N LEU B 64 14.31 -13.60 9.26
CA LEU B 64 14.42 -12.21 9.66
C LEU B 64 14.08 -11.33 8.46
N LEU B 65 13.52 -10.15 8.75
CA LEU B 65 13.26 -9.13 7.75
C LEU B 65 14.03 -7.87 8.11
N TYR B 66 14.99 -7.49 7.27
CA TYR B 66 15.65 -6.19 7.35
C TYR B 66 14.97 -5.23 6.40
N TYR B 67 14.82 -3.97 6.80
CA TYR B 67 14.06 -3.03 5.99
C TYR B 67 14.53 -1.60 6.25
N THR B 68 14.32 -0.74 5.26
CA THR B 68 14.64 0.68 5.41
C THR B 68 13.80 1.47 4.42
N GLU B 69 13.41 2.68 4.81
CA GLU B 69 12.66 3.51 3.89
C GLU B 69 13.56 4.10 2.82
N PHE B 70 13.04 4.14 1.60
CA PHE B 70 13.77 4.63 0.44
C PHE B 70 12.76 5.09 -0.60
N THR B 71 13.21 5.91 -1.52
CA THR B 71 12.41 6.29 -2.69
C THR B 71 13.23 5.97 -3.93
N PRO B 72 12.83 4.99 -4.73
CA PRO B 72 13.67 4.57 -5.85
C PRO B 72 13.67 5.56 -6.98
N THR B 73 14.72 5.49 -7.78
CA THR B 73 14.89 6.29 -9.00
C THR B 73 15.14 5.34 -10.16
N GLU B 74 15.50 5.91 -11.31
CA GLU B 74 15.92 5.09 -12.45
C GLU B 74 17.35 4.58 -12.26
N LYS B 75 18.22 5.43 -11.72
CA LYS B 75 19.65 5.18 -11.67
C LYS B 75 20.11 4.49 -10.39
N ASP B 76 19.39 4.68 -9.29
CA ASP B 76 19.81 4.16 -7.99
C ASP B 76 19.65 2.65 -7.95
N GLU B 77 20.77 1.93 -7.90
CA GLU B 77 20.71 0.48 -7.73
C GLU B 77 20.83 0.13 -6.24
N TYR B 78 19.91 -0.72 -5.78
CA TYR B 78 19.87 -1.15 -4.39
C TYR B 78 20.13 -2.65 -4.32
N ALA B 79 20.68 -3.09 -3.19
CA ALA B 79 21.04 -4.50 -3.04
C ALA B 79 21.01 -4.88 -1.56
N CYS B 80 21.17 -6.19 -1.33
CA CYS B 80 21.26 -6.75 0.00
C CYS B 80 22.47 -7.66 0.06
N ARG B 81 23.27 -7.49 1.12
CA ARG B 81 24.51 -8.24 1.31
C ARG B 81 24.37 -9.06 2.59
N VAL B 82 24.55 -10.38 2.47
CA VAL B 82 24.29 -11.30 3.57
C VAL B 82 25.51 -12.18 3.77
N ASN B 83 26.01 -12.22 5.01
CA ASN B 83 27.04 -13.17 5.39
C ASN B 83 26.57 -13.99 6.60
N HIS B 84 27.06 -15.22 6.63
CA HIS B 84 26.63 -16.23 7.59
C HIS B 84 27.76 -17.23 7.71
N VAL B 85 27.73 -18.04 8.78
CA VAL B 85 28.82 -18.97 9.02
C VAL B 85 28.89 -20.01 7.91
N THR B 86 27.75 -20.37 7.33
CA THR B 86 27.71 -21.36 6.25
C THR B 86 28.13 -20.79 4.90
N LEU B 87 28.39 -19.49 4.81
CA LEU B 87 28.77 -18.84 3.57
C LEU B 87 30.25 -18.52 3.61
N SER B 88 31.01 -19.07 2.67
CA SER B 88 32.45 -18.81 2.65
C SER B 88 32.76 -17.38 2.22
N GLN B 89 31.92 -16.80 1.38
CA GLN B 89 31.95 -15.39 1.05
C GLN B 89 30.54 -14.82 1.09
N PRO B 90 30.39 -13.53 1.40
CA PRO B 90 29.04 -12.95 1.48
C PRO B 90 28.34 -12.96 0.13
N LYS B 91 27.05 -13.27 0.17
CA LYS B 91 26.21 -13.23 -1.02
C LYS B 91 25.60 -11.84 -1.17
N ILE B 92 25.46 -11.41 -2.42
CA ILE B 92 24.85 -10.12 -2.74
C ILE B 92 23.72 -10.37 -3.72
N VAL B 93 22.54 -9.84 -3.40
CA VAL B 93 21.36 -9.95 -4.25
C VAL B 93 20.88 -8.54 -4.57
N LYS B 94 20.88 -8.19 -5.85
CA LYS B 94 20.43 -6.87 -6.26
C LYS B 94 18.92 -6.77 -6.13
N TRP B 95 18.43 -5.54 -5.96
CA TRP B 95 17.00 -5.30 -5.98
C TRP B 95 16.52 -5.22 -7.42
N ASP B 96 15.68 -6.16 -7.82
CA ASP B 96 14.99 -6.13 -9.10
C ASP B 96 13.54 -5.75 -8.84
N ARG B 97 13.09 -4.64 -9.42
CA ARG B 97 11.74 -4.17 -9.16
C ARG B 97 10.70 -5.04 -9.86
N ASP B 98 11.11 -5.88 -10.80
CA ASP B 98 10.22 -6.84 -11.43
C ASP B 98 10.12 -8.15 -10.63
N MET B 99 10.80 -8.23 -9.49
CA MET B 99 10.70 -9.37 -8.59
C MET B 99 10.48 -8.85 -7.16
N ASP C 1 0.30 -14.18 28.20
CA ASP C 1 1.30 -14.36 29.24
C ASP C 1 2.36 -15.37 28.85
N PHE C 2 3.63 -14.96 28.87
CA PHE C 2 4.71 -15.93 28.91
C PHE C 2 4.42 -16.93 30.02
N GLN C 3 4.75 -18.20 29.78
CA GLN C 3 4.58 -19.16 30.86
C GLN C 3 5.52 -18.81 31.99
N GLU C 4 5.02 -18.90 33.22
CA GLU C 4 5.66 -18.31 34.38
C GLU C 4 6.93 -19.08 34.76
N SER C 5 7.43 -18.76 35.96
CA SER C 5 8.81 -18.86 36.41
C SER C 5 9.69 -19.87 35.70
N ALA C 6 9.31 -21.15 35.78
CA ALA C 6 10.19 -22.29 35.70
C ALA C 6 10.93 -22.50 37.02
N ASP C 7 10.56 -21.83 38.11
CA ASP C 7 11.10 -22.14 39.44
C ASP C 7 12.61 -22.34 39.43
N SER C 8 13.32 -21.54 38.63
CA SER C 8 14.76 -21.67 38.51
C SER C 8 15.14 -23.13 38.27
N PHE C 9 14.67 -23.68 37.15
CA PHE C 9 14.95 -25.07 36.79
C PHE C 9 16.28 -25.21 36.05
N LEU C 10 16.57 -26.42 35.59
CA LEU C 10 17.82 -26.67 34.88
C LEU C 10 17.79 -27.89 33.95
N LEU C 11 17.57 -27.64 32.67
CA LEU C 11 17.54 -28.69 31.66
C LEU C 11 18.51 -29.76 32.10
N GLY D 1 2.01 35.74 -13.45
CA GLY D 1 2.82 34.84 -12.63
C GLY D 1 3.31 33.67 -13.42
N PHE D 2 2.48 32.62 -13.41
CA PHE D 2 2.65 31.40 -14.20
C PHE D 2 1.30 30.73 -14.38
N HIS D 3 0.93 30.37 -15.61
CA HIS D 3 -0.36 29.74 -15.89
C HIS D 3 -0.16 28.57 -16.84
N SER D 4 -1.22 27.76 -16.99
CA SER D 4 -1.07 26.52 -17.76
C SER D 4 -2.39 26.13 -18.43
N LEU D 5 -2.27 25.58 -19.64
CA LEU D 5 -3.38 24.96 -20.36
C LEU D 5 -3.08 23.47 -20.51
N ARG D 6 -4.02 22.62 -20.12
CA ARG D 6 -3.77 21.19 -20.11
C ARG D 6 -5.00 20.42 -20.59
N TYR D 7 -4.75 19.40 -21.41
CA TYR D 7 -5.80 18.51 -21.91
C TYR D 7 -5.50 17.09 -21.44
N PHE D 8 -6.57 16.36 -21.10
CA PHE D 8 -6.52 15.02 -20.54
C PHE D 8 -7.40 14.10 -21.36
N TYR D 9 -6.82 13.03 -21.91
CA TYR D 9 -7.51 12.02 -22.69
C TYR D 9 -7.49 10.69 -21.94
N THR D 10 -8.65 10.03 -21.90
CA THR D 10 -8.77 8.67 -21.40
C THR D 10 -9.54 7.85 -22.43
N ALA D 11 -8.95 6.76 -22.90
CA ALA D 11 -9.61 5.87 -23.84
C ALA D 11 -9.45 4.45 -23.34
N TRP D 12 -10.56 3.71 -23.22
CA TRP D 12 -10.43 2.34 -22.77
C TRP D 12 -11.40 1.44 -23.52
N SER D 13 -11.00 0.18 -23.65
CA SER D 13 -11.81 -0.85 -24.27
C SER D 13 -12.69 -1.52 -23.23
N ARG D 14 -13.78 -2.10 -23.70
CA ARG D 14 -14.75 -2.79 -22.84
C ARG D 14 -15.30 -3.98 -23.59
N PRO D 15 -14.58 -5.10 -23.58
CA PRO D 15 -15.03 -6.27 -24.35
C PRO D 15 -16.33 -6.82 -23.82
N GLY D 16 -17.15 -7.35 -24.73
CA GLY D 16 -18.47 -7.86 -24.39
C GLY D 16 -19.39 -6.82 -23.79
N SER D 17 -18.99 -5.55 -23.89
CA SER D 17 -19.72 -4.45 -23.26
C SER D 17 -19.76 -3.23 -24.16
N GLY D 18 -19.65 -3.43 -25.46
CA GLY D 18 -19.68 -2.34 -26.42
C GLY D 18 -18.29 -1.95 -26.88
N GLU D 19 -18.26 -0.90 -27.66
CA GLU D 19 -17.02 -0.45 -28.27
C GLU D 19 -16.26 0.49 -27.34
N PRO D 20 -14.96 0.69 -27.60
CA PRO D 20 -14.15 1.53 -26.70
C PRO D 20 -14.75 2.91 -26.49
N ARG D 21 -14.50 3.46 -25.31
CA ARG D 21 -14.95 4.79 -24.96
C ARG D 21 -13.76 5.74 -24.85
N PHE D 22 -14.01 7.01 -25.18
CA PHE D 22 -13.01 8.06 -25.14
C PHE D 22 -13.61 9.29 -24.49
N VAL D 23 -12.95 9.80 -23.46
CA VAL D 23 -13.37 10.99 -22.74
C VAL D 23 -12.19 11.94 -22.62
N ALA D 24 -12.40 13.22 -22.90
CA ALA D 24 -11.35 14.21 -22.84
C ALA D 24 -11.87 15.45 -22.12
N VAL D 25 -11.00 16.05 -21.29
CA VAL D 25 -11.32 17.29 -20.60
C VAL D 25 -10.17 18.28 -20.75
N GLY D 26 -10.49 19.54 -20.57
CA GLY D 26 -9.49 20.60 -20.63
C GLY D 26 -9.54 21.48 -19.40
N TYR D 27 -8.36 21.89 -18.94
CA TYR D 27 -8.20 22.72 -17.76
C TYR D 27 -7.35 23.93 -18.09
N VAL D 28 -7.74 25.05 -17.48
CA VAL D 28 -7.03 26.31 -17.52
C VAL D 28 -6.72 26.41 -16.03
N ASP D 29 -5.47 26.07 -15.68
CA ASP D 29 -4.96 26.03 -14.29
C ASP D 29 -5.64 24.94 -13.43
N ASP D 30 -6.61 25.33 -12.60
CA ASP D 30 -7.30 24.38 -11.74
C ASP D 30 -8.80 24.29 -12.04
N THR D 31 -9.27 25.04 -13.02
CA THR D 31 -10.65 25.06 -13.48
C THR D 31 -10.77 24.27 -14.78
N GLN D 32 -11.74 23.36 -14.80
CA GLN D 32 -12.12 22.66 -16.03
C GLN D 32 -13.00 23.58 -16.88
N PHE D 33 -12.79 23.53 -18.19
CA PHE D 33 -13.53 24.42 -19.09
C PHE D 33 -14.13 23.74 -20.32
N VAL D 34 -13.83 22.47 -20.58
CA VAL D 34 -14.34 21.81 -21.78
C VAL D 34 -14.28 20.30 -21.57
N ARG D 35 -15.16 19.58 -22.26
CA ARG D 35 -15.22 18.13 -22.15
C ARG D 35 -15.67 17.53 -23.49
N PHE D 36 -15.46 16.22 -23.61
CA PHE D 36 -15.93 15.46 -24.77
C PHE D 36 -16.12 14.01 -24.34
N ASP D 37 -17.27 13.44 -24.68
CA ASP D 37 -17.61 12.06 -24.30
C ASP D 37 -18.09 11.33 -25.55
N SER D 38 -17.34 10.31 -25.96
CA SER D 38 -17.63 9.61 -27.20
C SER D 38 -18.88 8.73 -27.11
N ASP D 39 -19.41 8.49 -25.91
CA ASP D 39 -20.62 7.69 -25.76
C ASP D 39 -21.89 8.46 -26.06
N ASN D 40 -21.83 9.78 -26.17
CA ASN D 40 -23.02 10.55 -26.52
C ASN D 40 -23.52 10.17 -27.91
N ALA D 41 -24.80 10.49 -28.16
CA ALA D 41 -25.43 10.12 -29.43
C ALA D 41 -24.67 10.71 -30.61
N SER D 42 -24.66 12.05 -30.70
CA SER D 42 -23.80 12.78 -31.63
C SER D 42 -22.81 13.57 -30.78
N PRO D 43 -21.66 12.98 -30.44
CA PRO D 43 -20.79 13.58 -29.42
C PRO D 43 -20.23 14.93 -29.86
N ARG D 44 -20.43 15.94 -29.02
CA ARG D 44 -19.99 17.30 -29.26
C ARG D 44 -19.08 17.78 -28.13
N ALA D 45 -18.11 18.64 -28.49
CA ALA D 45 -17.33 19.31 -27.47
C ALA D 45 -18.23 20.28 -26.69
N GLU D 46 -18.17 20.21 -25.36
CA GLU D 46 -19.13 20.95 -24.55
C GLU D 46 -18.43 21.88 -23.57
N PRO D 47 -18.94 23.09 -23.39
CA PRO D 47 -18.35 24.01 -22.40
C PRO D 47 -18.64 23.57 -20.98
N ARG D 48 -17.68 23.83 -20.09
CA ARG D 48 -17.81 23.41 -18.69
C ARG D 48 -17.37 24.51 -17.72
N ALA D 49 -17.36 25.76 -18.14
CA ALA D 49 -16.96 26.88 -17.30
C ALA D 49 -17.77 28.10 -17.71
N PRO D 50 -17.92 29.09 -16.81
CA PRO D 50 -18.76 30.25 -17.15
C PRO D 50 -18.33 31.00 -18.40
N TRP D 51 -17.06 31.41 -18.48
CA TRP D 51 -16.62 32.22 -19.61
C TRP D 51 -16.67 31.47 -20.93
N MET D 52 -16.89 30.17 -20.88
CA MET D 52 -16.91 29.34 -22.08
C MET D 52 -18.27 29.18 -22.76
N ASP D 53 -19.37 29.27 -22.00
CA ASP D 53 -20.68 29.10 -22.62
C ASP D 53 -21.39 30.41 -22.96
N LEU D 54 -20.79 31.54 -22.63
CA LEU D 54 -21.39 32.84 -22.91
C LEU D 54 -20.53 33.65 -23.88
N VAL D 55 -19.25 33.80 -23.55
CA VAL D 55 -18.31 34.54 -24.39
C VAL D 55 -17.50 33.61 -25.26
N GLU D 56 -18.17 32.63 -25.87
CA GLU D 56 -17.50 31.67 -26.74
C GLU D 56 -17.75 31.98 -28.22
N GLN D 57 -18.05 33.25 -28.50
CA GLN D 57 -18.32 33.68 -29.87
C GLN D 57 -17.13 34.45 -30.45
N GLN D 58 -15.92 33.98 -30.12
CA GLN D 58 -14.71 34.62 -30.61
C GLN D 58 -14.26 34.01 -31.93
N ASP D 59 -14.27 32.68 -32.01
CA ASP D 59 -13.86 31.98 -33.22
C ASP D 59 -15.06 31.31 -33.89
N PRO D 60 -15.66 32.01 -34.85
CA PRO D 60 -16.82 31.48 -35.57
C PRO D 60 -16.79 29.95 -35.64
N GLN D 61 -15.67 29.39 -36.07
CA GLN D 61 -15.53 27.94 -36.16
C GLN D 61 -14.85 27.37 -34.92
N TYR D 62 -15.42 27.65 -33.77
CA TYR D 62 -14.87 27.16 -32.50
C TYR D 62 -15.37 25.76 -32.19
N TRP D 63 -16.59 25.67 -31.67
CA TRP D 63 -17.19 24.39 -31.32
C TRP D 63 -17.15 23.40 -32.48
N ASP D 64 -17.24 23.88 -33.72
CA ASP D 64 -17.13 22.98 -34.87
C ASP D 64 -15.71 22.41 -34.98
N ARG D 65 -14.73 23.30 -34.90
CA ARG D 65 -13.33 22.91 -34.98
C ARG D 65 -12.89 22.00 -33.83
N ASN D 66 -13.40 22.24 -32.63
CA ASN D 66 -13.03 21.41 -31.49
C ASN D 66 -13.80 20.10 -31.46
N THR D 67 -15.06 20.11 -31.90
CA THR D 67 -15.80 18.85 -32.01
C THR D 67 -15.13 17.94 -33.02
N ARG D 68 -14.73 18.48 -34.18
CA ARG D 68 -14.05 17.68 -35.18
C ARG D 68 -12.75 17.10 -34.63
N ASN D 69 -11.91 17.94 -34.02
CA ASN D 69 -10.64 17.47 -33.48
C ASN D 69 -10.85 16.40 -32.42
N ALA D 70 -11.83 16.60 -31.53
CA ALA D 70 -12.08 15.61 -30.48
C ALA D 70 -12.55 14.29 -31.07
N ARG D 71 -13.44 14.33 -32.07
CA ARG D 71 -13.87 13.10 -32.71
C ARG D 71 -12.70 12.36 -33.35
N ASP D 72 -11.84 13.10 -34.06
CA ASP D 72 -10.67 12.47 -34.66
C ASP D 72 -9.78 11.83 -33.61
N ALA D 73 -9.59 12.50 -32.46
CA ALA D 73 -8.84 11.87 -31.38
C ALA D 73 -9.52 10.60 -30.90
N ALA D 74 -10.85 10.60 -30.79
CA ALA D 74 -11.57 9.42 -30.36
C ALA D 74 -11.29 8.22 -31.26
N GLN D 75 -11.37 8.43 -32.59
N GLN D 75 -11.36 8.43 -32.58
CA GLN D 75 -11.02 7.36 -33.52
CA GLN D 75 -11.02 7.35 -33.51
C GLN D 75 -9.57 6.94 -33.36
C GLN D 75 -9.55 6.94 -33.37
N THR D 76 -8.66 7.93 -33.29
CA THR D 76 -7.23 7.66 -33.19
C THR D 76 -6.90 6.73 -32.02
N TYR D 77 -7.50 7.00 -30.85
CA TYR D 77 -7.16 6.20 -29.68
C TYR D 77 -7.97 4.92 -29.61
N ARG D 78 -9.17 4.90 -30.21
CA ARG D 78 -9.88 3.64 -30.33
C ARG D 78 -9.08 2.63 -31.16
N VAL D 79 -8.40 3.10 -32.20
CA VAL D 79 -7.54 2.19 -32.96
C VAL D 79 -6.23 1.94 -32.22
N GLY D 80 -5.67 2.98 -31.61
CA GLY D 80 -4.42 2.81 -30.86
C GLY D 80 -4.53 1.77 -29.76
N LEU D 81 -5.71 1.66 -29.15
CA LEU D 81 -5.93 0.65 -28.13
C LEU D 81 -5.53 -0.73 -28.63
N ASP D 82 -6.03 -1.11 -29.80
CA ASP D 82 -5.70 -2.43 -30.32
C ASP D 82 -4.30 -2.49 -30.91
N ASN D 83 -3.76 -1.39 -31.42
CA ASN D 83 -2.36 -1.41 -31.84
C ASN D 83 -1.43 -1.78 -30.67
N VAL D 84 -1.57 -1.05 -29.55
CA VAL D 84 -0.74 -1.32 -28.37
C VAL D 84 -1.04 -2.72 -27.82
N ARG D 85 -2.33 -3.07 -27.74
CA ARG D 85 -2.73 -4.42 -27.39
C ARG D 85 -1.98 -5.46 -28.20
N GLY D 86 -1.85 -5.23 -29.50
CA GLY D 86 -1.08 -6.14 -30.34
C GLY D 86 0.39 -6.17 -29.99
N TYR D 87 0.97 -5.00 -29.68
CA TYR D 87 2.39 -4.99 -29.31
C TYR D 87 2.64 -5.83 -28.08
N TYR D 88 1.69 -5.84 -27.13
CA TYR D 88 1.87 -6.63 -25.91
C TYR D 88 1.37 -8.06 -26.05
N ASN D 89 0.75 -8.40 -27.17
CA ASN D 89 0.09 -9.70 -27.37
C ASN D 89 -0.87 -10.02 -26.22
N GLN D 90 -1.59 -9.00 -25.77
CA GLN D 90 -2.60 -9.21 -24.75
C GLN D 90 -3.88 -9.78 -25.37
N SER D 91 -4.69 -10.41 -24.54
CA SER D 91 -5.94 -10.98 -25.01
C SER D 91 -6.98 -9.90 -25.26
N GLU D 92 -7.91 -10.20 -26.18
CA GLU D 92 -9.02 -9.29 -26.45
C GLU D 92 -10.05 -9.24 -25.35
N ALA D 93 -10.01 -10.18 -24.40
CA ALA D 93 -11.02 -10.23 -23.35
C ALA D 93 -10.75 -9.26 -22.21
N GLY D 94 -9.57 -8.65 -22.15
CA GLY D 94 -9.23 -7.73 -21.10
C GLY D 94 -9.44 -6.27 -21.49
N SER D 95 -9.82 -5.47 -20.50
CA SER D 95 -9.98 -4.03 -20.67
C SER D 95 -8.64 -3.34 -20.45
N HIS D 96 -8.35 -2.34 -21.28
CA HIS D 96 -7.08 -1.63 -21.20
C HIS D 96 -7.29 -0.16 -21.52
N THR D 97 -6.48 0.69 -20.88
CA THR D 97 -6.63 2.14 -20.97
C THR D 97 -5.38 2.77 -21.55
N ILE D 98 -5.60 3.75 -22.42
CA ILE D 98 -4.58 4.70 -22.86
C ILE D 98 -4.95 6.05 -22.28
N GLN D 99 -3.98 6.71 -21.65
CA GLN D 99 -4.17 8.08 -21.15
C GLN D 99 -3.16 9.00 -21.82
N ARG D 100 -3.55 10.25 -21.98
CA ARG D 100 -2.64 11.26 -22.52
C ARG D 100 -2.89 12.58 -21.80
N MET D 101 -1.80 13.26 -21.44
CA MET D 101 -1.88 14.61 -20.90
C MET D 101 -0.93 15.48 -21.69
N TYR D 102 -1.42 16.59 -22.23
CA TYR D 102 -0.54 17.49 -22.95
C TYR D 102 -0.95 18.92 -22.68
N GLY D 103 -0.02 19.84 -22.87
CA GLY D 103 -0.33 21.24 -22.67
C GLY D 103 0.93 22.09 -22.54
N CYS D 104 0.70 23.32 -22.10
CA CYS D 104 1.74 24.33 -22.08
C CYS D 104 1.68 25.14 -20.78
N ASP D 105 2.86 25.47 -20.27
CA ASP D 105 3.05 26.43 -19.19
C ASP D 105 3.58 27.73 -19.77
N VAL D 106 2.88 28.82 -19.48
CA VAL D 106 3.23 30.17 -19.90
C VAL D 106 3.63 30.98 -18.67
N GLY D 107 4.54 31.93 -18.87
CA GLY D 107 5.06 32.73 -17.79
C GLY D 107 4.40 34.09 -17.69
N PRO D 108 4.95 34.97 -16.84
CA PRO D 108 4.31 36.28 -16.64
C PRO D 108 4.38 37.16 -17.87
N HIS D 109 5.43 37.04 -18.67
CA HIS D 109 5.58 37.80 -19.91
C HIS D 109 4.67 37.29 -21.03
N GLY D 110 3.94 36.21 -20.81
CA GLY D 110 3.06 35.66 -21.82
C GLY D 110 3.73 34.81 -22.88
N ARG D 111 4.97 34.39 -22.65
CA ARG D 111 5.66 33.50 -23.57
C ARG D 111 5.79 32.11 -22.99
N LEU D 112 5.93 31.13 -23.87
CA LEU D 112 6.03 29.72 -23.47
C LEU D 112 7.06 29.44 -22.39
N LEU D 113 6.64 28.70 -21.36
CA LEU D 113 7.52 28.32 -20.27
C LEU D 113 8.04 26.92 -20.56
N ARG D 114 7.12 26.02 -20.88
CA ARG D 114 7.45 24.64 -21.22
C ARG D 114 6.24 23.95 -21.82
N GLY D 115 6.47 23.14 -22.84
CA GLY D 115 5.45 22.28 -23.40
C GLY D 115 5.63 20.84 -22.95
N TYR D 116 4.53 20.08 -22.99
CA TYR D 116 4.64 18.69 -22.59
C TYR D 116 3.54 17.88 -23.23
N ASP D 117 3.86 16.60 -23.44
CA ASP D 117 2.92 15.62 -23.98
C ASP D 117 3.37 14.25 -23.49
N GLN D 118 2.52 13.58 -22.70
CA GLN D 118 2.85 12.29 -22.11
C GLN D 118 1.69 11.34 -22.27
N LEU D 119 2.03 10.06 -22.38
CA LEU D 119 1.05 9.00 -22.60
C LEU D 119 1.37 7.82 -21.69
N ALA D 120 0.32 7.30 -21.05
CA ALA D 120 0.38 6.11 -20.22
C ALA D 120 -0.49 5.02 -20.80
N TYR D 121 -0.18 3.78 -20.44
CA TYR D 121 -0.93 2.61 -20.84
C TYR D 121 -1.16 1.74 -19.61
N ASP D 122 -2.43 1.50 -19.28
CA ASP D 122 -2.79 0.72 -18.10
C ASP D 122 -2.17 1.31 -16.84
N GLY D 123 -2.15 2.64 -16.76
CA GLY D 123 -1.70 3.34 -15.56
C GLY D 123 -0.21 3.47 -15.40
N ALA D 124 0.59 3.05 -16.37
CA ALA D 124 2.04 3.20 -16.30
C ALA D 124 2.55 3.97 -17.52
N ASP D 125 3.64 4.69 -17.32
CA ASP D 125 4.24 5.49 -18.39
C ASP D 125 4.44 4.66 -19.65
N TYR D 126 4.01 5.21 -20.78
CA TYR D 126 4.14 4.53 -22.06
C TYR D 126 5.12 5.25 -22.98
N ILE D 127 4.87 6.52 -23.29
CA ILE D 127 5.79 7.27 -24.15
C ILE D 127 5.59 8.75 -23.85
N ALA D 128 6.68 9.52 -23.98
CA ALA D 128 6.63 10.93 -23.65
C ALA D 128 7.48 11.75 -24.60
N LEU D 129 6.99 12.94 -24.94
CA LEU D 129 7.80 13.91 -25.67
C LEU D 129 8.87 14.47 -24.74
N ASN D 130 10.12 14.50 -25.22
CA ASN D 130 11.22 14.97 -24.41
C ASN D 130 11.20 16.49 -24.28
N GLU D 131 12.05 17.01 -23.38
CA GLU D 131 12.08 18.44 -23.13
C GLU D 131 12.55 19.25 -24.33
N ASP D 132 13.28 18.64 -25.26
CA ASP D 132 13.63 19.35 -26.48
C ASP D 132 12.44 19.50 -27.44
N LEU D 133 11.30 18.87 -27.13
CA LEU D 133 10.14 18.83 -28.02
C LEU D 133 10.53 18.33 -29.42
N ARG D 134 11.53 17.45 -29.47
CA ARG D 134 12.09 17.02 -30.75
C ARG D 134 12.15 15.51 -30.85
N SER D 135 12.25 14.83 -29.72
CA SER D 135 12.41 13.38 -29.69
C SER D 135 11.48 12.78 -28.65
N TRP D 136 11.44 11.45 -28.61
CA TRP D 136 10.54 10.72 -27.74
C TRP D 136 11.32 9.81 -26.80
N THR D 137 10.72 9.51 -25.65
CA THR D 137 11.23 8.52 -24.71
C THR D 137 10.16 7.45 -24.54
N ALA D 138 10.51 6.22 -24.89
CA ALA D 138 9.61 5.08 -24.80
C ALA D 138 9.98 4.23 -23.59
N ALA D 139 8.95 3.79 -22.85
CA ALA D 139 9.19 3.18 -21.55
C ALA D 139 9.52 1.70 -21.61
N ASP D 140 9.17 1.00 -22.70
CA ASP D 140 9.46 -0.42 -22.80
C ASP D 140 9.51 -0.81 -24.28
N LEU D 141 9.71 -2.11 -24.52
CA LEU D 141 9.86 -2.61 -25.89
C LEU D 141 8.63 -2.33 -26.73
N ALA D 142 7.44 -2.45 -26.15
CA ALA D 142 6.22 -2.22 -26.92
C ALA D 142 6.14 -0.77 -27.40
N ALA D 143 6.48 0.18 -26.53
CA ALA D 143 6.41 1.59 -26.91
C ALA D 143 7.42 1.96 -27.98
N GLN D 144 8.48 1.16 -28.16
CA GLN D 144 9.44 1.46 -29.23
C GLN D 144 8.79 1.44 -30.60
N ASN D 145 7.78 0.58 -30.79
CA ASN D 145 7.01 0.60 -32.04
C ASN D 145 6.39 1.97 -32.26
N THR D 146 5.73 2.50 -31.23
CA THR D 146 5.08 3.80 -31.34
C THR D 146 6.12 4.90 -31.59
N ARG D 147 7.26 4.82 -30.90
CA ARG D 147 8.29 5.83 -31.12
C ARG D 147 8.80 5.77 -32.56
N ARG D 148 8.94 4.57 -33.12
CA ARG D 148 9.40 4.46 -34.50
C ARG D 148 8.38 5.05 -35.47
N LYS D 149 7.11 4.68 -35.32
CA LYS D 149 6.07 5.26 -36.17
C LYS D 149 6.05 6.77 -36.06
N TRP D 150 6.16 7.29 -34.84
CA TRP D 150 6.03 8.73 -34.64
C TRP D 150 7.26 9.49 -35.13
N GLU D 151 8.43 8.83 -35.14
CA GLU D 151 9.61 9.45 -35.73
C GLU D 151 9.53 9.45 -37.25
N GLU D 152 9.06 8.35 -37.84
CA GLU D 152 9.00 8.25 -39.29
C GLU D 152 7.96 9.20 -39.88
N ALA D 153 6.92 9.52 -39.11
CA ALA D 153 5.88 10.43 -39.57
C ALA D 153 6.14 11.88 -39.20
N GLY D 154 7.29 12.17 -38.59
CA GLY D 154 7.59 13.55 -38.18
C GLY D 154 6.57 14.13 -37.23
N TYR D 155 6.06 13.33 -36.29
CA TYR D 155 4.99 13.78 -35.42
C TYR D 155 5.49 14.79 -34.38
N ALA D 156 6.73 14.65 -33.92
CA ALA D 156 7.26 15.55 -32.90
C ALA D 156 7.22 17.01 -33.36
N GLU D 157 7.48 17.27 -34.64
CA GLU D 157 7.49 18.65 -35.11
C GLU D 157 6.09 19.27 -35.07
N ARG D 158 5.07 18.48 -35.42
CA ARG D 158 3.70 19.00 -35.35
C ARG D 158 3.26 19.18 -33.91
N ASP D 159 3.59 18.22 -33.04
CA ASP D 159 3.36 18.38 -31.60
C ASP D 159 3.96 19.68 -31.10
N ARG D 160 5.25 19.89 -31.39
CA ARG D 160 5.92 21.12 -31.03
C ARG D 160 5.20 22.34 -31.57
N ALA D 161 4.77 22.28 -32.84
CA ALA D 161 4.08 23.41 -33.46
C ALA D 161 2.81 23.76 -32.69
N TYR D 162 2.04 22.76 -32.28
CA TYR D 162 0.85 23.03 -31.46
C TYR D 162 1.25 23.62 -30.11
N LEU D 163 2.23 23.01 -29.44
CA LEU D 163 2.56 23.37 -28.07
C LEU D 163 3.09 24.81 -27.97
N GLU D 164 3.91 25.22 -28.93
CA GLU D 164 4.42 26.59 -28.90
C GLU D 164 3.51 27.58 -29.61
N GLY D 165 2.50 27.10 -30.33
CA GLY D 165 1.60 27.94 -31.10
C GLY D 165 0.21 28.02 -30.51
N GLU D 166 -0.69 27.18 -31.04
CA GLU D 166 -2.10 27.20 -30.62
C GLU D 166 -2.25 27.15 -29.12
N CYS D 167 -1.43 26.33 -28.44
CA CYS D 167 -1.58 26.16 -26.99
C CYS D 167 -1.37 27.48 -26.25
N VAL D 168 -0.28 28.18 -26.55
CA VAL D 168 0.01 29.45 -25.88
C VAL D 168 -1.08 30.46 -26.19
N GLU D 169 -1.41 30.62 -27.48
CA GLU D 169 -2.41 31.59 -27.90
C GLU D 169 -3.73 31.37 -27.18
N TRP D 170 -4.17 30.12 -27.11
CA TRP D 170 -5.48 29.85 -26.52
C TRP D 170 -5.46 29.92 -25.00
N LEU D 171 -4.34 29.58 -24.36
CA LEU D 171 -4.21 29.86 -22.93
C LEU D 171 -4.36 31.35 -22.67
N LEU D 172 -3.73 32.19 -23.50
CA LEU D 172 -3.85 33.63 -23.32
C LEU D 172 -5.30 34.09 -23.52
N LYS D 173 -5.95 33.60 -24.58
CA LYS D 173 -7.34 33.98 -24.81
C LYS D 173 -8.23 33.57 -23.63
N HIS D 174 -8.06 32.35 -23.13
CA HIS D 174 -8.86 31.89 -22.01
C HIS D 174 -8.61 32.72 -20.76
N LEU D 175 -7.34 33.03 -20.48
CA LEU D 175 -7.03 33.89 -19.34
C LEU D 175 -7.67 35.25 -19.47
N GLU D 176 -7.78 35.77 -20.70
CA GLU D 176 -8.46 37.05 -20.90
C GLU D 176 -9.97 36.91 -20.65
N ASN D 177 -10.62 35.98 -21.35
CA ASN D 177 -12.06 35.86 -21.25
C ASN D 177 -12.51 35.39 -19.86
N GLY D 178 -11.74 34.49 -19.24
CA GLY D 178 -12.10 33.94 -17.95
C GLY D 178 -11.46 34.63 -16.77
N ARG D 179 -11.04 35.88 -16.98
CA ARG D 179 -10.30 36.63 -15.96
C ARG D 179 -11.01 36.61 -14.61
N GLU D 180 -12.35 36.70 -14.60
CA GLU D 180 -13.07 36.76 -13.33
C GLU D 180 -12.97 35.43 -12.58
N THR D 181 -12.92 34.32 -13.30
CA THR D 181 -12.80 32.99 -12.70
C THR D 181 -11.35 32.60 -12.47
N LEU D 182 -10.53 32.69 -13.52
CA LEU D 182 -9.14 32.23 -13.45
C LEU D 182 -8.12 33.09 -12.72
N LEU D 183 -8.28 34.41 -12.78
CA LEU D 183 -7.33 35.32 -12.16
C LEU D 183 -7.72 35.72 -10.74
N ARG D 184 -8.66 35.02 -10.14
CA ARG D 184 -9.00 35.26 -8.75
C ARG D 184 -8.07 34.46 -7.84
N ALA D 185 -7.82 35.02 -6.65
CA ALA D 185 -7.14 34.29 -5.58
C ALA D 185 -8.09 34.37 -4.39
N ASP D 186 -9.05 33.44 -4.34
CA ASP D 186 -10.02 33.39 -3.25
C ASP D 186 -9.36 32.82 -2.00
N PRO D 187 -9.14 33.63 -0.97
CA PRO D 187 -8.53 33.10 0.25
C PRO D 187 -9.47 32.11 0.93
N PRO D 188 -8.95 31.17 1.70
CA PRO D 188 -9.83 30.21 2.38
C PRO D 188 -10.61 30.87 3.50
N LYS D 189 -11.80 30.32 3.75
CA LYS D 189 -12.56 30.63 4.95
C LYS D 189 -12.20 29.59 6.00
N THR D 190 -11.47 30.01 7.03
CA THR D 190 -10.83 29.10 7.96
C THR D 190 -11.50 29.18 9.33
N HIS D 191 -11.57 28.03 10.01
CA HIS D 191 -12.10 28.02 11.36
C HIS D 191 -11.71 26.71 12.03
N ILE D 192 -11.70 26.73 13.36
CA ILE D 192 -11.40 25.53 14.14
C ILE D 192 -12.68 24.97 14.72
N THR D 193 -12.84 23.65 14.64
CA THR D 193 -13.91 22.94 15.31
C THR D 193 -13.33 22.03 16.38
N HIS D 194 -14.19 21.67 17.33
CA HIS D 194 -13.77 21.11 18.62
C HIS D 194 -14.69 19.93 18.92
N HIS D 195 -14.14 18.73 18.94
CA HIS D 195 -14.93 17.51 19.07
C HIS D 195 -14.38 16.66 20.21
N PRO D 196 -15.07 16.65 21.36
CA PRO D 196 -14.59 15.83 22.49
C PRO D 196 -14.63 14.34 22.17
N ILE D 197 -13.63 13.62 22.66
CA ILE D 197 -13.58 12.17 22.57
C ILE D 197 -13.88 11.53 23.91
N SER D 198 -13.07 11.82 24.92
CA SER D 198 -13.23 11.37 26.30
C SER D 198 -13.34 12.60 27.19
N ASP D 199 -13.40 12.37 28.51
CA ASP D 199 -13.24 13.47 29.44
C ASP D 199 -11.82 14.01 29.45
N ARG D 200 -10.89 13.34 28.76
CA ARG D 200 -9.50 13.79 28.78
C ARG D 200 -8.85 14.01 27.42
N GLU D 201 -9.57 13.70 26.34
CA GLU D 201 -9.00 13.88 25.02
C GLU D 201 -10.00 14.57 24.10
N VAL D 202 -9.51 15.51 23.30
CA VAL D 202 -10.32 16.28 22.37
C VAL D 202 -9.64 16.23 21.01
N THR D 203 -10.46 16.34 19.96
CA THR D 203 -9.96 16.55 18.60
C THR D 203 -10.18 18.00 18.22
N LEU D 204 -9.11 18.66 17.76
CA LEU D 204 -9.18 19.98 17.17
C LEU D 204 -9.02 19.84 15.66
N ARG D 205 -9.88 20.50 14.89
CA ARG D 205 -9.86 20.36 13.44
C ARG D 205 -9.81 21.74 12.81
N CYS D 206 -8.77 21.98 12.00
CA CYS D 206 -8.58 23.25 11.33
C CYS D 206 -9.10 23.15 9.90
N TRP D 207 -10.06 24.02 9.57
CA TRP D 207 -10.78 24.00 8.30
C TRP D 207 -10.37 25.17 7.43
N ALA D 208 -10.16 24.87 6.14
CA ALA D 208 -9.98 25.85 5.09
C ALA D 208 -10.99 25.55 3.99
N LEU D 209 -11.91 26.47 3.74
CA LEU D 209 -13.04 26.22 2.85
C LEU D 209 -13.08 27.21 1.70
N GLY D 210 -13.53 26.72 0.54
CA GLY D 210 -13.89 27.58 -0.58
C GLY D 210 -12.75 28.39 -1.18
N PHE D 211 -11.53 27.87 -1.16
CA PHE D 211 -10.38 28.60 -1.66
C PHE D 211 -10.02 28.16 -3.08
N TYR D 212 -9.36 29.07 -3.79
CA TYR D 212 -8.87 28.84 -5.14
C TYR D 212 -7.67 29.77 -5.35
N PRO D 213 -6.57 29.27 -5.94
CA PRO D 213 -6.35 27.92 -6.47
C PRO D 213 -6.17 26.82 -5.42
N GLU D 214 -5.79 25.64 -5.91
CA GLU D 214 -5.81 24.43 -5.09
C GLU D 214 -4.68 24.41 -4.07
N GLU D 215 -3.56 25.05 -4.39
CA GLU D 215 -2.39 25.02 -3.52
C GLU D 215 -2.68 25.71 -2.18
N ILE D 216 -2.32 25.05 -1.09
CA ILE D 216 -2.56 25.58 0.25
C ILE D 216 -1.68 24.81 1.23
N THR D 217 -1.34 25.46 2.35
CA THR D 217 -0.59 24.83 3.43
C THR D 217 -1.33 24.99 4.75
N LEU D 218 -1.53 23.88 5.45
CA LEU D 218 -2.22 23.85 6.74
C LEU D 218 -1.37 23.07 7.72
N THR D 219 -1.04 23.67 8.87
CA THR D 219 -0.22 22.97 9.86
C THR D 219 -0.67 23.30 11.28
N TRP D 220 -0.39 22.38 12.21
CA TRP D 220 -0.61 22.61 13.64
C TRP D 220 0.73 22.75 14.34
N GLN D 221 0.75 23.58 15.38
CA GLN D 221 1.92 23.71 16.24
C GLN D 221 1.51 23.59 17.69
N HIS D 222 2.19 22.71 18.41
CA HIS D 222 2.20 22.74 19.87
C HIS D 222 3.26 23.72 20.34
N ASP D 223 2.83 24.82 20.95
CA ASP D 223 3.73 25.79 21.55
C ASP D 223 4.65 26.48 20.54
N GLY D 224 4.46 26.18 19.25
CA GLY D 224 5.40 26.62 18.23
C GLY D 224 6.22 25.52 17.61
N GLU D 225 5.87 24.27 17.86
CA GLU D 225 6.59 23.10 17.37
C GLU D 225 5.72 22.41 16.35
N ASP D 226 6.32 21.98 15.24
CA ASP D 226 5.51 21.40 14.18
C ASP D 226 4.95 20.05 14.58
N GLN D 227 3.72 19.79 14.15
CA GLN D 227 2.94 18.64 14.58
C GLN D 227 2.54 17.75 13.39
N THR D 228 3.31 17.79 12.31
CA THR D 228 2.92 17.11 11.08
C THR D 228 2.73 15.61 11.29
N GLN D 229 3.61 14.99 12.09
CA GLN D 229 3.50 13.55 12.32
C GLN D 229 2.26 13.21 13.14
N GLU D 230 1.91 14.05 14.12
CA GLU D 230 0.76 13.77 14.97
C GLU D 230 -0.55 13.97 14.22
N MET D 231 -0.61 14.96 13.33
CA MET D 231 -1.88 15.42 12.82
C MET D 231 -2.38 14.56 11.66
N GLU D 232 -3.69 14.59 11.46
CA GLU D 232 -4.36 13.99 10.32
C GLU D 232 -4.63 15.09 9.28
N LEU D 233 -4.15 14.89 8.06
CA LEU D 233 -4.23 15.90 7.01
C LEU D 233 -4.90 15.27 5.80
N VAL D 234 -6.13 15.65 5.51
CA VAL D 234 -6.84 15.05 4.38
C VAL D 234 -6.34 15.65 3.08
N GLU D 235 -6.39 14.83 2.03
CA GLU D 235 -6.08 15.30 0.68
C GLU D 235 -7.05 16.40 0.29
N THR D 236 -6.51 17.48 -0.28
CA THR D 236 -7.34 18.58 -0.79
C THR D 236 -8.40 18.05 -1.74
N ARG D 237 -9.61 18.59 -1.61
CA ARG D 237 -10.78 18.06 -2.29
C ARG D 237 -11.59 19.18 -2.93
N PRO D 238 -12.26 18.92 -4.05
CA PRO D 238 -13.11 19.93 -4.66
C PRO D 238 -14.45 20.03 -3.95
N ASP D 239 -14.98 21.26 -3.93
CA ASP D 239 -16.23 21.53 -3.21
C ASP D 239 -17.46 21.49 -4.12
N GLY D 240 -17.28 21.29 -5.42
CA GLY D 240 -18.39 21.22 -6.35
C GLY D 240 -18.79 22.54 -6.96
N ASN D 241 -18.23 23.66 -6.47
CA ASN D 241 -18.53 24.98 -6.98
C ASN D 241 -17.30 25.64 -7.62
N GLY D 242 -16.34 24.83 -8.04
CA GLY D 242 -15.11 25.37 -8.61
C GLY D 242 -14.07 25.80 -7.61
N ALA D 243 -14.23 25.44 -6.33
CA ALA D 243 -13.24 25.77 -5.31
C ALA D 243 -12.81 24.51 -4.57
N PHE D 244 -12.08 24.65 -3.46
CA PHE D 244 -11.47 23.51 -2.81
C PHE D 244 -11.60 23.62 -1.29
N GLN D 245 -11.41 22.48 -0.62
CA GLN D 245 -11.48 22.39 0.83
C GLN D 245 -10.31 21.57 1.34
N LYS D 246 -9.95 21.80 2.60
CA LYS D 246 -8.93 21.00 3.26
C LYS D 246 -9.09 21.17 4.76
N TRP D 247 -8.76 20.13 5.52
CA TRP D 247 -8.68 20.29 6.97
C TRP D 247 -7.54 19.45 7.52
N ALA D 248 -7.11 19.82 8.72
CA ALA D 248 -6.06 19.12 9.44
C ALA D 248 -6.50 18.97 10.88
N ALA D 249 -6.54 17.74 11.38
CA ALA D 249 -7.03 17.46 12.72
C ALA D 249 -5.91 16.95 13.61
N LEU D 250 -6.12 17.08 14.91
CA LEU D 250 -5.11 16.82 15.92
C LEU D 250 -5.81 16.37 17.19
N VAL D 251 -5.30 15.32 17.82
CA VAL D 251 -5.84 14.84 19.09
C VAL D 251 -4.97 15.41 20.20
N VAL D 252 -5.55 16.31 21.01
CA VAL D 252 -4.83 16.98 22.08
C VAL D 252 -5.54 16.67 23.38
N PRO D 253 -4.84 16.74 24.51
CA PRO D 253 -5.46 16.39 25.79
C PRO D 253 -6.43 17.46 26.26
N SER D 254 -7.46 17.01 26.98
CA SER D 254 -8.42 17.94 27.57
C SER D 254 -7.71 18.92 28.49
N GLY D 255 -8.13 20.19 28.41
CA GLY D 255 -7.46 21.25 29.13
C GLY D 255 -6.18 21.73 28.49
N GLU D 256 -5.61 20.97 27.56
CA GLU D 256 -4.40 21.36 26.86
C GLU D 256 -4.67 22.06 25.54
N GLU D 257 -5.90 22.54 25.31
CA GLU D 257 -6.11 23.54 24.29
C GLU D 257 -5.55 24.89 24.79
N GLN D 258 -5.62 25.91 23.93
CA GLN D 258 -5.07 27.26 24.06
C GLN D 258 -3.55 27.32 23.83
N ARG D 259 -2.90 26.16 23.77
CA ARG D 259 -1.45 26.11 23.54
C ARG D 259 -1.12 25.92 22.07
N TYR D 260 -1.80 24.96 21.44
CA TYR D 260 -1.58 24.68 20.02
C TYR D 260 -2.21 25.75 19.14
N THR D 261 -1.63 25.95 17.96
CA THR D 261 -2.12 26.94 17.02
C THR D 261 -2.15 26.39 15.60
N CYS D 262 -3.12 26.83 14.81
CA CYS D 262 -3.26 26.37 13.44
C CYS D 262 -2.79 27.47 12.50
N HIS D 263 -2.05 27.09 11.46
CA HIS D 263 -1.44 28.05 10.56
C HIS D 263 -1.82 27.71 9.13
N VAL D 264 -2.28 28.74 8.41
CA VAL D 264 -2.84 28.59 7.07
C VAL D 264 -2.10 29.53 6.14
N GLN D 265 -1.60 29.01 5.03
CA GLN D 265 -0.99 29.84 4.01
C GLN D 265 -1.61 29.54 2.65
N HIS D 266 -2.04 30.60 1.97
CA HIS D 266 -2.68 30.54 0.66
C HIS D 266 -2.50 31.91 0.01
N GLU D 267 -2.34 31.90 -1.32
CA GLU D 267 -1.98 33.14 -1.99
C GLU D 267 -3.08 34.19 -1.97
N GLY D 268 -4.32 33.81 -1.67
CA GLY D 268 -5.34 34.83 -1.48
C GLY D 268 -5.24 35.59 -0.16
N LEU D 269 -4.44 35.08 0.78
CA LEU D 269 -4.31 35.73 2.08
C LEU D 269 -3.30 36.85 2.01
N PRO D 270 -3.63 38.04 2.52
CA PRO D 270 -2.60 39.11 2.58
C PRO D 270 -1.41 38.71 3.42
N GLN D 271 -1.64 37.91 4.47
CA GLN D 271 -0.60 37.37 5.32
C GLN D 271 -1.06 35.99 5.78
N PRO D 272 -0.15 35.12 6.18
CA PRO D 272 -0.57 33.82 6.73
C PRO D 272 -1.48 34.01 7.94
N LEU D 273 -2.35 33.03 8.15
CA LEU D 273 -3.31 33.08 9.25
C LEU D 273 -2.87 32.18 10.40
N THR D 274 -3.10 32.66 11.62
CA THR D 274 -2.91 31.88 12.83
C THR D 274 -4.22 31.88 13.60
N LEU D 275 -4.74 30.69 13.87
CA LEU D 275 -5.96 30.51 14.63
C LEU D 275 -5.64 29.74 15.90
N ARG D 276 -6.40 30.01 16.96
CA ARG D 276 -6.29 29.20 18.16
C ARG D 276 -7.65 29.11 18.81
N TRP D 277 -7.94 27.95 19.41
CA TRP D 277 -9.21 27.71 20.09
C TRP D 277 -9.32 28.55 21.35
N ILE E 1 -1.37 -3.54 -12.81
CA ILE E 1 -1.10 -2.36 -11.99
C ILE E 1 -2.43 -1.62 -11.74
N GLN E 2 -3.13 -2.07 -10.71
CA GLN E 2 -4.42 -1.51 -10.32
C GLN E 2 -4.28 -0.77 -9.00
N ARG E 3 -5.15 0.23 -8.80
CA ARG E 3 -5.11 1.06 -7.61
C ARG E 3 -6.51 1.25 -7.08
N THR E 4 -6.67 1.11 -5.76
CA THR E 4 -7.92 1.16 -5.04
C THR E 4 -8.28 2.61 -4.68
N PRO E 5 -9.56 2.95 -4.66
CA PRO E 5 -9.93 4.35 -4.47
C PRO E 5 -9.92 4.79 -3.01
N LYS E 6 -9.53 6.06 -2.82
CA LYS E 6 -9.76 6.78 -1.60
C LYS E 6 -11.09 7.52 -1.70
N ILE E 7 -11.78 7.62 -0.57
CA ILE E 7 -13.12 8.16 -0.51
C ILE E 7 -13.18 9.26 0.54
N GLN E 8 -13.86 10.36 0.22
CA GLN E 8 -14.20 11.37 1.20
C GLN E 8 -15.65 11.80 1.00
N VAL E 9 -16.45 11.74 2.07
CA VAL E 9 -17.83 12.22 2.04
C VAL E 9 -17.90 13.52 2.84
N TYR E 10 -18.54 14.53 2.26
CA TYR E 10 -18.54 15.85 2.89
C TYR E 10 -19.58 16.72 2.17
N SER E 11 -19.91 17.84 2.79
CA SER E 11 -20.86 18.78 2.23
C SER E 11 -20.14 20.00 1.68
N ARG E 12 -20.76 20.64 0.67
CA ARG E 12 -20.14 21.79 0.04
C ARG E 12 -20.00 22.96 1.02
N HIS E 13 -20.98 23.13 1.89
CA HIS E 13 -21.00 24.16 2.91
C HIS E 13 -21.13 23.52 4.29
N PRO E 14 -20.73 24.23 5.35
CA PRO E 14 -20.92 23.68 6.71
C PRO E 14 -22.38 23.35 6.96
N ALA E 15 -22.61 22.21 7.61
CA ALA E 15 -23.95 21.65 7.72
C ALA E 15 -24.81 22.50 8.63
N GLU E 16 -25.90 23.05 8.07
CA GLU E 16 -26.91 23.77 8.83
C GLU E 16 -28.26 23.10 8.57
N ASN E 17 -28.79 22.44 9.59
CA ASN E 17 -30.00 21.63 9.42
C ASN E 17 -31.15 22.45 8.85
N GLY E 18 -31.89 21.86 7.93
CA GLY E 18 -32.99 22.53 7.28
C GLY E 18 -32.62 23.49 6.16
N LYS E 19 -31.34 23.64 5.86
CA LYS E 19 -30.89 24.52 4.79
C LYS E 19 -30.36 23.70 3.62
N SER E 20 -30.61 24.20 2.40
CA SER E 20 -30.20 23.47 1.21
C SER E 20 -28.68 23.46 1.09
N ASN E 21 -28.16 22.32 0.62
CA ASN E 21 -26.72 22.07 0.57
C ASN E 21 -26.48 21.03 -0.51
N PHE E 22 -25.22 20.69 -0.71
CA PHE E 22 -24.81 19.65 -1.65
C PHE E 22 -24.02 18.59 -0.92
N LEU E 23 -24.43 17.33 -1.09
CA LEU E 23 -23.69 16.18 -0.58
C LEU E 23 -22.71 15.71 -1.64
N ASN E 24 -21.45 15.58 -1.24
CA ASN E 24 -20.32 15.25 -2.10
C ASN E 24 -19.68 13.94 -1.65
N CYS E 25 -19.39 13.08 -2.62
CA CYS E 25 -18.52 11.92 -2.45
C CYS E 25 -17.39 12.02 -3.47
N TYR E 26 -16.17 12.17 -2.98
CA TYR E 26 -15.00 12.36 -3.81
C TYR E 26 -14.16 11.09 -3.78
N VAL E 27 -13.98 10.47 -4.95
CA VAL E 27 -13.21 9.24 -5.09
C VAL E 27 -11.96 9.57 -5.90
N SER E 28 -10.79 9.16 -5.39
CA SER E 28 -9.55 9.55 -6.02
C SER E 28 -8.53 8.42 -5.92
N GLY E 29 -7.49 8.51 -6.76
CA GLY E 29 -6.38 7.58 -6.66
C GLY E 29 -6.65 6.18 -7.16
N PHE E 30 -7.68 5.98 -7.98
CA PHE E 30 -8.01 4.65 -8.46
C PHE E 30 -7.64 4.46 -9.92
N HIS E 31 -7.50 3.20 -10.31
CA HIS E 31 -7.20 2.76 -11.67
C HIS E 31 -7.56 1.28 -11.78
N PRO E 32 -8.29 0.86 -12.83
CA PRO E 32 -8.75 1.64 -13.98
C PRO E 32 -10.00 2.47 -13.68
N SER E 33 -10.55 3.12 -14.72
CA SER E 33 -11.49 4.22 -14.50
C SER E 33 -12.89 3.77 -14.12
N ASP E 34 -13.28 2.56 -14.51
CA ASP E 34 -14.63 2.10 -14.19
C ASP E 34 -14.82 1.99 -12.68
N ILE E 35 -15.88 2.63 -12.18
CA ILE E 35 -16.16 2.66 -10.76
C ILE E 35 -17.67 2.82 -10.59
N GLU E 36 -18.21 2.25 -9.50
CA GLU E 36 -19.63 2.40 -9.18
C GLU E 36 -19.77 3.14 -7.87
N VAL E 37 -20.44 4.29 -7.90
CA VAL E 37 -20.59 5.16 -6.75
C VAL E 37 -22.06 5.50 -6.59
N ASP E 38 -22.63 5.19 -5.43
CA ASP E 38 -23.98 5.57 -5.07
C ASP E 38 -23.94 6.40 -3.79
N LEU E 39 -24.88 7.33 -3.68
CA LEU E 39 -25.06 8.11 -2.45
C LEU E 39 -26.37 7.70 -1.80
N LEU E 40 -26.33 7.42 -0.50
CA LEU E 40 -27.43 6.80 0.21
C LEU E 40 -28.01 7.76 1.24
N LYS E 41 -29.34 7.79 1.31
CA LYS E 41 -30.09 8.51 2.34
C LYS E 41 -30.81 7.47 3.19
N ASN E 42 -30.38 7.34 4.45
CA ASN E 42 -30.91 6.35 5.38
C ASN E 42 -30.80 4.94 4.79
N GLY E 43 -29.68 4.68 4.11
CA GLY E 43 -29.39 3.35 3.59
C GLY E 43 -29.99 3.04 2.24
N GLU E 44 -30.58 4.02 1.56
CA GLU E 44 -31.24 3.77 0.28
C GLU E 44 -30.71 4.72 -0.79
N ARG E 45 -30.65 4.20 -2.02
CA ARG E 45 -30.01 4.90 -3.12
C ARG E 45 -30.78 6.17 -3.50
N ILE E 46 -30.04 7.25 -3.73
CA ILE E 46 -30.60 8.52 -4.17
C ILE E 46 -30.63 8.54 -5.69
N GLU E 47 -31.74 9.03 -6.24
CA GLU E 47 -31.97 8.90 -7.68
C GLU E 47 -31.13 9.90 -8.48
N LYS E 48 -31.39 11.20 -8.30
CA LYS E 48 -30.79 12.22 -9.15
C LYS E 48 -29.39 12.55 -8.61
N VAL E 49 -28.44 11.70 -8.98
CA VAL E 49 -27.05 11.83 -8.57
C VAL E 49 -26.22 12.14 -9.81
N GLU E 50 -25.39 13.17 -9.71
CA GLU E 50 -24.55 13.63 -10.81
C GLU E 50 -23.08 13.40 -10.45
N HIS E 51 -22.23 13.46 -11.48
CA HIS E 51 -20.80 13.33 -11.26
C HIS E 51 -20.06 14.19 -12.25
N SER E 52 -18.84 14.56 -11.88
CA SER E 52 -17.98 15.38 -12.72
C SER E 52 -17.39 14.53 -13.85
N ASP E 53 -16.66 15.18 -14.74
CA ASP E 53 -16.07 14.49 -15.88
C ASP E 53 -14.75 13.83 -15.48
N LEU E 54 -14.54 12.61 -15.99
CA LEU E 54 -13.37 11.83 -15.65
C LEU E 54 -12.08 12.56 -16.00
N SER E 55 -11.21 12.73 -15.00
CA SER E 55 -9.87 13.27 -15.18
C SER E 55 -8.91 12.44 -14.32
N PHE E 56 -7.63 12.80 -14.33
CA PHE E 56 -6.64 12.03 -13.59
C PHE E 56 -5.50 12.93 -13.14
N SER E 57 -4.64 12.36 -12.28
CA SER E 57 -3.57 13.09 -11.63
C SER E 57 -2.23 12.83 -12.32
N LYS E 58 -1.17 13.45 -11.79
CA LYS E 58 0.16 13.27 -12.33
C LYS E 58 0.59 11.80 -12.34
N ASP E 59 0.15 11.02 -11.36
CA ASP E 59 0.49 9.60 -11.31
C ASP E 59 -0.48 8.73 -12.11
N TRP E 60 -1.32 9.35 -12.93
CA TRP E 60 -2.26 8.73 -13.87
C TRP E 60 -3.49 8.15 -13.19
N SER E 61 -3.62 8.25 -11.87
CA SER E 61 -4.80 7.73 -11.19
C SER E 61 -5.97 8.69 -11.34
N PHE E 62 -7.18 8.12 -11.39
CA PHE E 62 -8.38 8.87 -11.70
C PHE E 62 -9.00 9.48 -10.45
N TYR E 63 -9.83 10.50 -10.65
CA TYR E 63 -10.60 11.11 -9.57
C TYR E 63 -11.91 11.64 -10.11
N LEU E 64 -12.97 11.46 -9.33
CA LEU E 64 -14.33 11.83 -9.70
C LEU E 64 -15.04 12.39 -8.47
N LEU E 65 -15.96 13.32 -8.71
CA LEU E 65 -16.79 13.90 -7.67
C LEU E 65 -18.25 13.60 -7.99
N TYR E 66 -18.90 12.80 -7.15
CA TYR E 66 -20.34 12.59 -7.20
C TYR E 66 -21.03 13.54 -6.22
N TYR E 67 -22.21 14.03 -6.59
CA TYR E 67 -22.85 15.04 -5.76
C TYR E 67 -24.35 15.06 -6.01
N THR E 68 -25.10 15.51 -5.01
CA THR E 68 -26.54 15.72 -5.16
C THR E 68 -27.01 16.75 -4.14
N GLU E 69 -28.08 17.46 -4.49
CA GLU E 69 -28.67 18.41 -3.56
C GLU E 69 -29.35 17.68 -2.40
N PHE E 70 -29.12 18.17 -1.18
CA PHE E 70 -29.80 17.61 -0.03
C PHE E 70 -29.97 18.69 1.02
N THR E 71 -30.83 18.42 1.99
CA THR E 71 -31.07 19.32 3.11
C THR E 71 -30.90 18.50 4.39
N PRO E 72 -29.81 18.68 5.12
CA PRO E 72 -29.56 17.80 6.28
C PRO E 72 -30.52 18.07 7.42
N THR E 73 -30.71 17.04 8.24
CA THR E 73 -31.53 17.14 9.43
C THR E 73 -30.79 16.49 10.59
N GLU E 74 -31.48 16.29 11.71
CA GLU E 74 -30.82 15.65 12.86
C GLU E 74 -30.68 14.14 12.65
N LYS E 75 -31.76 13.48 12.21
CA LYS E 75 -31.80 12.03 12.18
C LYS E 75 -31.48 11.44 10.81
N ASP E 76 -31.49 12.23 9.75
CA ASP E 76 -31.28 11.71 8.40
C ASP E 76 -29.82 11.32 8.20
N GLU E 77 -29.58 10.01 8.09
CA GLU E 77 -28.25 9.50 7.77
C GLU E 77 -27.96 9.63 6.28
N TYR E 78 -26.72 9.96 5.95
CA TYR E 78 -26.26 9.95 4.58
C TYR E 78 -24.93 9.23 4.49
N ALA E 79 -24.71 8.54 3.38
CA ALA E 79 -23.49 7.76 3.21
C ALA E 79 -23.13 7.72 1.73
N CYS E 80 -21.93 7.20 1.46
CA CYS E 80 -21.47 6.96 0.09
C CYS E 80 -21.03 5.50 0.00
N ARG E 81 -21.44 4.83 -1.07
CA ARG E 81 -21.15 3.42 -1.30
C ARG E 81 -20.36 3.28 -2.60
N VAL E 82 -19.21 2.63 -2.52
CA VAL E 82 -18.23 2.60 -3.62
C VAL E 82 -17.84 1.16 -3.89
N ASN E 83 -17.91 0.75 -5.15
CA ASN E 83 -17.33 -0.50 -5.58
C ASN E 83 -16.40 -0.26 -6.77
N HIS E 84 -15.40 -1.13 -6.87
CA HIS E 84 -14.31 -1.01 -7.83
C HIS E 84 -13.74 -2.40 -8.01
N VAL E 85 -12.96 -2.60 -9.08
CA VAL E 85 -12.43 -3.93 -9.34
C VAL E 85 -11.44 -4.34 -8.26
N THR E 86 -10.80 -3.37 -7.60
CA THR E 86 -9.83 -3.67 -6.56
C THR E 86 -10.47 -3.96 -5.21
N LEU E 87 -11.77 -3.72 -5.05
CA LEU E 87 -12.48 -3.97 -3.80
C LEU E 87 -13.23 -5.29 -3.92
N SER E 88 -13.00 -6.21 -2.97
CA SER E 88 -13.75 -7.45 -2.97
C SER E 88 -15.21 -7.22 -2.58
N GLN E 89 -15.45 -6.28 -1.67
CA GLN E 89 -16.80 -5.88 -1.30
C GLN E 89 -16.88 -4.36 -1.28
N PRO E 90 -18.04 -3.80 -1.62
CA PRO E 90 -18.19 -2.35 -1.63
C PRO E 90 -17.91 -1.75 -0.25
N LYS E 91 -17.25 -0.59 -0.26
CA LYS E 91 -16.98 0.18 0.94
C LYS E 91 -18.05 1.24 1.11
N ILE E 92 -18.52 1.39 2.35
CA ILE E 92 -19.50 2.43 2.69
C ILE E 92 -18.85 3.39 3.67
N VAL E 93 -18.93 4.69 3.38
CA VAL E 93 -18.38 5.73 4.23
C VAL E 93 -19.52 6.70 4.56
N LYS E 94 -19.87 6.78 5.85
CA LYS E 94 -20.97 7.63 6.28
C LYS E 94 -20.56 9.08 6.25
N TRP E 95 -21.52 9.95 5.94
CA TRP E 95 -21.28 11.39 6.03
C TRP E 95 -21.26 11.82 7.48
N ASP E 96 -20.17 12.49 7.86
CA ASP E 96 -20.01 13.06 9.19
C ASP E 96 -19.79 14.56 9.02
N ARG E 97 -20.72 15.37 9.54
CA ARG E 97 -20.64 16.81 9.33
C ARG E 97 -19.47 17.45 10.07
N ASP E 98 -18.77 16.72 10.91
CA ASP E 98 -17.53 17.20 11.52
C ASP E 98 -16.31 16.89 10.67
N MET E 99 -16.49 16.23 9.55
CA MET E 99 -15.40 15.92 8.62
C MET E 99 -15.83 16.21 7.18
N ASP F 1 -8.01 25.12 -28.07
CA ASP F 1 -8.28 24.11 -29.08
C ASP F 1 -7.63 22.78 -28.72
N PHE F 2 -8.41 21.70 -28.80
CA PHE F 2 -7.81 20.37 -28.84
C PHE F 2 -6.76 20.33 -29.93
N GLN F 3 -5.70 19.55 -29.71
CA GLN F 3 -4.73 19.35 -30.78
C GLN F 3 -5.44 18.71 -31.96
N GLU F 4 -5.19 19.26 -33.16
CA GLU F 4 -5.81 18.75 -34.37
C GLU F 4 -5.37 17.30 -34.64
N SER F 5 -6.06 16.66 -35.58
CA SER F 5 -5.75 15.27 -35.93
C SER F 5 -4.50 15.20 -36.80
N ALA F 6 -3.85 14.04 -36.79
CA ALA F 6 -2.64 13.83 -37.57
C ALA F 6 -2.74 12.57 -38.43
N ASP F 7 -3.61 12.63 -39.44
CA ASP F 7 -3.83 11.51 -40.35
C ASP F 7 -4.08 10.20 -39.62
N SER F 8 -5.03 10.23 -38.67
CA SER F 8 -5.38 9.06 -37.87
C SER F 8 -4.16 8.37 -37.27
N PHE F 9 -3.09 9.13 -37.07
CA PHE F 9 -1.86 8.59 -36.51
C PHE F 9 -2.09 7.46 -35.52
N LEU F 10 -1.62 6.27 -35.87
CA LEU F 10 -1.75 5.11 -35.02
C LEU F 10 -0.71 5.21 -33.91
N LEU F 11 -0.99 4.53 -32.81
CA LEU F 11 0.04 4.32 -31.82
C LEU F 11 0.76 3.05 -32.23
#